data_4HPG
#
_entry.id   4HPG
#
_cell.length_a   87.176
_cell.length_b   89.778
_cell.length_c   101.542
_cell.angle_alpha   90.00
_cell.angle_beta   113.59
_cell.angle_gamma   90.00
#
_symmetry.space_group_name_H-M   'P 1 21 1'
#
loop_
_entity.id
_entity.type
_entity.pdbx_description
1 polymer Beta-1,3-glucanase
2 branched alpha-L-fucopyranose-(1-3)-2-acetamido-2-deoxy-beta-D-glucopyranose
3 non-polymer DI(HYDROXYETHYL)ETHER
4 non-polymer 2-acetamido-2-deoxy-beta-D-glucopyranose
5 water water
#
_entity_poly.entity_id   1
_entity_poly.type   'polypeptide(L)'
_entity_poly.pdbx_seq_one_letter_code
;(PCA)VGVCYGMQGNNLPPVSEVIALYKKSNITRMRIYDPNQAVLEALRGSNIELILGVPNSDLQSLTNPSNAKSWVQKN
VRGFWSSVRFRYIAVGNEISPVNRGTAWLAQFVLPAMRNIHDAIRSAGLQDQIKVSTAIDLTLVGNSYPPSAGAFRDDVR
SYLNPIIRFLSSIRSPLLANIYPYFTYAGNPRDISLPYALFTSPSVVVWDGQRGYKNLFDATLDALYSALERASGGSLEV
VVSESGWPSAGAFAATFDNGRTYLSNLIQHVKRGTPKRPKRAIETYLFAMFDENKKQPEVEKHFGLFFPNKWQKYNLNFS
;
_entity_poly.pdbx_strand_id   A,B,C,D
#
# COMPACT_ATOMS: atom_id res chain seq x y z
N VAL A 2 16.67 14.68 -30.83
CA VAL A 2 16.03 13.66 -30.05
C VAL A 2 15.83 14.15 -28.62
N GLY A 3 14.81 13.67 -27.91
CA GLY A 3 14.67 14.02 -26.51
C GLY A 3 14.97 12.79 -25.68
N VAL A 4 15.07 12.93 -24.36
CA VAL A 4 15.29 11.80 -23.48
C VAL A 4 14.41 11.92 -22.23
N CYS A 5 13.76 10.84 -21.85
CA CYS A 5 12.94 10.83 -20.63
C CYS A 5 13.72 10.76 -19.35
N TYR A 6 13.40 11.64 -18.41
CA TYR A 6 14.06 11.68 -17.12
C TYR A 6 13.15 11.03 -16.08
N GLY A 7 13.30 9.73 -15.93
CA GLY A 7 12.61 8.98 -14.88
C GLY A 7 13.50 8.96 -13.67
N MET A 8 12.92 9.10 -12.49
CA MET A 8 13.69 9.19 -11.26
C MET A 8 13.48 8.00 -10.33
N GLN A 9 12.88 6.94 -10.82
CA GLN A 9 12.60 5.84 -9.90
C GLN A 9 13.77 4.89 -9.70
N GLY A 10 14.91 5.44 -9.29
CA GLY A 10 16.07 4.64 -8.91
C GLY A 10 16.62 5.19 -7.61
N ASN A 11 17.35 4.36 -6.87
CA ASN A 11 17.89 4.78 -5.56
C ASN A 11 19.33 5.30 -5.62
N ASN A 12 19.93 5.39 -6.80
CA ASN A 12 21.36 5.68 -6.95
C ASN A 12 21.62 6.76 -8.01
N LEU A 13 20.63 7.62 -8.24
CA LEU A 13 20.75 8.60 -9.32
C LEU A 13 21.46 9.88 -8.87
N PRO A 14 22.12 10.56 -9.83
CA PRO A 14 22.78 11.85 -9.54
C PRO A 14 21.76 12.87 -9.08
N PRO A 15 22.19 13.89 -8.34
CA PRO A 15 21.28 14.98 -7.97
C PRO A 15 20.65 15.60 -9.19
N VAL A 16 19.42 16.09 -9.01
CA VAL A 16 18.67 16.75 -10.06
C VAL A 16 19.55 17.73 -10.82
N SER A 17 20.31 18.52 -10.06
CA SER A 17 21.14 19.60 -10.61
C SER A 17 22.19 19.10 -11.62
N GLU A 18 22.78 17.94 -11.34
CA GLU A 18 23.80 17.32 -12.23
C GLU A 18 23.30 16.75 -13.56
N VAL A 19 22.08 16.22 -13.48
CA VAL A 19 21.38 15.63 -14.60
C VAL A 19 21.12 16.68 -15.67
N ILE A 20 20.72 17.86 -15.23
CA ILE A 20 20.54 18.99 -16.15
C ILE A 20 21.86 19.35 -16.86
N ALA A 21 22.94 19.53 -16.08
CA ALA A 21 24.27 19.71 -16.66
C ALA A 21 24.55 18.61 -17.68
N LEU A 22 24.25 17.37 -17.27
CA LEU A 22 24.45 16.22 -18.14
C LEU A 22 23.55 16.33 -19.36
N TYR A 23 22.41 17.00 -19.24
CA TYR A 23 21.62 17.20 -20.43
C TYR A 23 22.32 18.22 -21.37
N LYS A 24 22.74 19.37 -20.85
CA LYS A 24 23.46 20.37 -21.69
C LYS A 24 24.74 19.78 -22.29
N LYS A 25 25.53 19.13 -21.43
CA LYS A 25 26.77 18.49 -21.81
C LYS A 25 26.63 17.56 -23.01
N SER A 26 25.58 16.75 -22.98
CA SER A 26 25.40 15.77 -24.04
C SER A 26 24.71 16.40 -25.25
N ASN A 27 24.40 17.69 -25.16
CA ASN A 27 23.70 18.41 -26.23
C ASN A 27 22.31 17.79 -26.51
N ILE A 28 21.66 17.30 -25.44
CA ILE A 28 20.26 16.85 -25.42
C ILE A 28 19.37 18.07 -25.13
N THR A 29 18.58 18.52 -26.10
CA THR A 29 17.81 19.73 -25.95
C THR A 29 16.32 19.50 -25.59
N ARG A 30 15.94 18.25 -25.30
CA ARG A 30 14.56 17.91 -24.93
C ARG A 30 14.41 16.89 -23.80
N MET A 31 13.55 17.18 -22.84
CA MET A 31 13.37 16.31 -21.69
C MET A 31 11.89 15.97 -21.44
N ARG A 32 11.60 14.75 -21.00
CA ARG A 32 10.26 14.46 -20.55
C ARG A 32 10.26 14.07 -19.07
N ILE A 33 9.45 14.76 -18.27
CA ILE A 33 9.23 14.30 -16.89
C ILE A 33 7.78 13.81 -16.68
N TYR A 34 7.56 13.01 -15.64
CA TYR A 34 6.26 12.37 -15.43
C TYR A 34 5.44 13.04 -14.30
N ASP A 35 6.03 14.00 -13.60
CA ASP A 35 5.32 14.80 -12.61
C ASP A 35 5.92 16.20 -12.56
N PRO A 36 5.22 17.18 -11.99
CA PRO A 36 5.86 18.51 -11.95
C PRO A 36 6.76 18.62 -10.72
N ASN A 37 7.86 17.87 -10.74
CA ASN A 37 8.83 17.91 -9.65
C ASN A 37 9.46 19.29 -9.50
N GLN A 38 9.25 19.90 -8.33
CA GLN A 38 9.70 21.27 -8.13
C GLN A 38 11.21 21.39 -8.25
N ALA A 39 11.95 20.47 -7.64
CA ALA A 39 13.41 20.53 -7.69
C ALA A 39 13.87 20.49 -9.16
N VAL A 40 13.31 19.58 -9.95
CA VAL A 40 13.63 19.49 -11.38
C VAL A 40 13.26 20.74 -12.17
N LEU A 41 12.06 21.27 -11.90
CA LEU A 41 11.56 22.47 -12.58
C LEU A 41 12.49 23.65 -12.27
N GLU A 42 12.86 23.79 -11.01
CA GLU A 42 13.80 24.82 -10.62
C GLU A 42 15.18 24.59 -11.26
N ALA A 43 15.54 23.33 -11.51
CA ALA A 43 16.87 23.09 -12.05
C ALA A 43 16.91 23.36 -13.55
N LEU A 44 15.74 23.45 -14.19
CA LEU A 44 15.75 23.66 -15.65
C LEU A 44 15.70 25.14 -16.03
N ARG A 45 15.77 26.02 -15.04
CA ARG A 45 15.59 27.45 -15.30
C ARG A 45 16.76 27.99 -16.12
N GLY A 46 16.47 28.56 -17.29
CA GLY A 46 17.47 29.05 -18.21
C GLY A 46 18.24 27.96 -18.96
N SER A 47 17.80 26.72 -18.82
CA SER A 47 18.49 25.59 -19.43
C SER A 47 18.32 25.50 -20.94
N ASN A 48 17.27 26.15 -21.45
CA ASN A 48 16.83 26.07 -22.85
C ASN A 48 16.43 24.66 -23.29
N ILE A 49 16.22 23.77 -22.33
CA ILE A 49 15.77 22.42 -22.60
C ILE A 49 14.25 22.36 -22.79
N GLU A 50 13.81 21.98 -23.97
CA GLU A 50 12.38 21.88 -24.22
C GLU A 50 11.81 20.76 -23.34
N LEU A 51 10.69 21.04 -22.68
CA LEU A 51 10.13 20.12 -21.68
C LEU A 51 8.73 19.55 -22.00
N ILE A 52 8.59 18.25 -21.85
CA ILE A 52 7.29 17.62 -21.74
C ILE A 52 7.01 17.49 -20.23
N LEU A 53 6.02 18.25 -19.75
CA LEU A 53 5.63 18.21 -18.35
C LEU A 53 4.47 17.27 -18.14
N GLY A 54 4.65 16.28 -17.29
CA GLY A 54 3.63 15.28 -17.09
C GLY A 54 2.68 15.53 -15.94
N VAL A 55 1.41 15.26 -16.17
CA VAL A 55 0.44 15.14 -15.08
C VAL A 55 0.38 13.67 -14.69
N PRO A 56 0.65 13.35 -13.42
CA PRO A 56 0.65 11.95 -13.02
C PRO A 56 -0.77 11.40 -12.98
N ASN A 57 -0.95 10.13 -13.31
CA ASN A 57 -2.29 9.53 -13.39
C ASN A 57 -3.07 9.71 -12.10
N SER A 58 -2.36 9.68 -10.99
CA SER A 58 -2.98 9.82 -9.69
C SER A 58 -3.64 11.20 -9.48
N ASP A 59 -3.25 12.22 -10.25
CA ASP A 59 -3.82 13.57 -10.11
C ASP A 59 -4.92 13.93 -11.11
N LEU A 60 -5.21 13.05 -12.08
CA LEU A 60 -6.24 13.30 -13.09
C LEU A 60 -7.63 13.64 -12.53
N GLN A 61 -8.03 12.92 -11.49
CA GLN A 61 -9.37 13.10 -10.91
C GLN A 61 -9.42 14.51 -10.35
N SER A 62 -8.46 14.84 -9.51
CA SER A 62 -8.35 16.18 -8.98
C SER A 62 -8.48 17.26 -10.05
N LEU A 63 -7.90 17.00 -11.22
CA LEU A 63 -7.79 18.02 -12.26
C LEU A 63 -9.02 18.13 -13.14
N THR A 64 -10.00 17.27 -12.92
CA THR A 64 -11.27 17.39 -13.64
C THR A 64 -12.08 18.53 -13.00
N ASN A 65 -11.60 19.00 -11.87
CA ASN A 65 -12.09 20.23 -11.26
C ASN A 65 -11.32 21.44 -11.77
N PRO A 66 -12.03 22.41 -12.34
CA PRO A 66 -11.44 23.62 -12.94
C PRO A 66 -10.58 24.40 -11.95
N SER A 67 -11.05 24.58 -10.71
CA SER A 67 -10.28 25.35 -9.73
C SER A 67 -8.97 24.64 -9.39
N ASN A 68 -9.01 23.32 -9.33
CA ASN A 68 -7.83 22.54 -9.11
C ASN A 68 -6.81 22.66 -10.26
N ALA A 69 -7.31 22.69 -11.50
CA ALA A 69 -6.47 22.82 -12.68
C ALA A 69 -5.80 24.20 -12.79
N LYS A 70 -6.57 25.23 -12.47
CA LYS A 70 -6.06 26.57 -12.54
C LYS A 70 -4.84 26.66 -11.62
N SER A 71 -5.02 26.22 -10.38
CA SER A 71 -3.95 26.22 -9.40
C SER A 71 -2.80 25.29 -9.75
N TRP A 72 -3.06 24.21 -10.48
CA TRP A 72 -1.98 23.34 -10.91
C TRP A 72 -1.12 24.04 -11.95
N VAL A 73 -1.76 24.59 -12.96
CA VAL A 73 -1.09 25.39 -13.96
C VAL A 73 -0.38 26.61 -13.43
N GLN A 74 -1.03 27.22 -12.46
CA GLN A 74 -0.50 28.41 -11.81
C GLN A 74 0.82 27.99 -11.12
N LYS A 75 0.75 26.92 -10.34
CA LYS A 75 1.88 26.46 -9.54
C LYS A 75 3.06 25.86 -10.32
N ASN A 76 2.76 25.03 -11.31
CA ASN A 76 3.79 24.25 -11.96
C ASN A 76 4.23 24.84 -13.30
N VAL A 77 3.43 25.76 -13.84
CA VAL A 77 3.75 26.36 -15.12
C VAL A 77 4.03 27.86 -15.09
N ARG A 78 3.06 28.69 -14.70
CA ARG A 78 3.24 30.14 -14.74
C ARG A 78 4.34 30.60 -13.81
N GLY A 79 4.56 29.82 -12.76
CA GLY A 79 5.57 30.09 -11.77
C GLY A 79 6.97 29.88 -12.36
N PHE A 80 7.04 29.36 -13.58
CA PHE A 80 8.32 28.95 -14.16
C PHE A 80 8.48 29.35 -15.62
N TRP A 81 7.42 29.87 -16.23
CA TRP A 81 7.43 30.13 -17.66
C TRP A 81 8.49 31.09 -18.19
N SER A 82 8.89 32.06 -17.38
CA SER A 82 10.05 32.90 -17.69
C SER A 82 11.31 32.11 -18.12
N SER A 83 11.56 30.99 -17.45
CA SER A 83 12.87 30.37 -17.52
C SER A 83 12.86 28.91 -17.89
N VAL A 84 11.66 28.33 -18.06
CA VAL A 84 11.56 26.92 -18.40
C VAL A 84 10.80 26.85 -19.70
N ARG A 85 11.38 26.17 -20.69
CA ARG A 85 10.79 26.07 -22.04
C ARG A 85 9.80 24.90 -22.11
N PHE A 86 8.65 25.09 -21.49
CA PHE A 86 7.54 24.16 -21.62
C PHE A 86 7.16 23.95 -23.08
N ARG A 87 7.10 22.70 -23.49
CA ARG A 87 6.71 22.39 -24.87
C ARG A 87 5.37 21.67 -24.93
N TYR A 88 5.27 20.56 -24.21
CA TYR A 88 4.01 19.82 -24.10
C TYR A 88 3.65 19.55 -22.65
N ILE A 89 2.37 19.55 -22.37
CA ILE A 89 1.87 18.98 -21.15
C ILE A 89 1.20 17.63 -21.44
N ALA A 90 1.75 16.58 -20.86
CA ALA A 90 1.26 15.23 -21.07
C ALA A 90 0.25 14.88 -19.99
N VAL A 91 -1.04 15.10 -20.24
CA VAL A 91 -2.07 14.87 -19.23
C VAL A 91 -2.47 13.41 -19.17
N GLY A 92 -1.83 12.66 -18.28
CA GLY A 92 -2.02 11.23 -18.18
C GLY A 92 -1.06 10.43 -19.04
N ASN A 93 -0.79 9.20 -18.64
CA ASN A 93 0.14 8.38 -19.37
C ASN A 93 -0.41 6.95 -19.45
N GLU A 94 -0.51 6.41 -20.68
CA GLU A 94 -0.97 5.05 -20.95
C GLU A 94 -2.33 4.70 -20.38
N ILE A 95 -3.25 5.65 -20.45
CA ILE A 95 -4.61 5.41 -19.94
C ILE A 95 -5.41 4.64 -20.99
N SER A 96 -6.07 3.59 -20.55
CA SER A 96 -7.00 2.85 -21.38
C SER A 96 -8.31 2.60 -20.67
N PRO A 97 -9.43 2.69 -21.39
CA PRO A 97 -10.73 2.45 -20.73
C PRO A 97 -11.03 0.97 -20.57
N VAL A 98 -10.12 0.11 -20.99
CA VAL A 98 -10.35 -1.33 -20.93
C VAL A 98 -9.18 -2.05 -20.27
N ASN A 99 -8.11 -1.34 -19.90
CA ASN A 99 -7.03 -1.98 -19.13
C ASN A 99 -7.28 -1.90 -17.62
N ARG A 100 -7.03 -3.03 -16.95
CA ARG A 100 -7.31 -3.14 -15.53
C ARG A 100 -6.65 -2.03 -14.73
N GLY A 101 -5.43 -1.71 -15.11
CA GLY A 101 -4.68 -0.70 -14.40
C GLY A 101 -5.21 0.71 -14.47
N THR A 102 -5.89 1.05 -15.55
CA THR A 102 -6.26 2.44 -15.77
C THR A 102 -7.73 2.74 -16.14
N ALA A 103 -8.55 1.70 -16.28
CA ALA A 103 -9.93 1.86 -16.73
C ALA A 103 -10.75 2.88 -15.93
N TRP A 104 -10.65 2.79 -14.60
CA TRP A 104 -11.34 3.73 -13.72
C TRP A 104 -10.83 5.15 -13.81
N LEU A 105 -9.90 5.42 -14.71
CA LEU A 105 -9.36 6.76 -14.86
C LEU A 105 -9.70 7.44 -16.16
N ALA A 106 -10.13 6.67 -17.15
CA ALA A 106 -10.38 7.17 -18.49
C ALA A 106 -11.33 8.37 -18.59
N GLN A 107 -12.46 8.27 -17.87
CA GLN A 107 -13.45 9.34 -17.71
C GLN A 107 -12.78 10.68 -17.35
N PHE A 108 -11.68 10.64 -16.59
CA PHE A 108 -11.12 11.86 -16.05
C PHE A 108 -10.22 12.61 -17.05
N VAL A 109 -9.71 11.91 -18.08
CA VAL A 109 -8.62 12.44 -18.92
C VAL A 109 -8.99 13.68 -19.71
N LEU A 110 -9.98 13.56 -20.58
CA LEU A 110 -10.45 14.70 -21.38
C LEU A 110 -10.86 15.92 -20.54
N PRO A 111 -11.60 15.72 -19.43
CA PRO A 111 -11.92 16.93 -18.68
C PRO A 111 -10.66 17.59 -18.10
N ALA A 112 -9.76 16.77 -17.56
CA ALA A 112 -8.45 17.25 -17.12
C ALA A 112 -7.71 17.99 -18.26
N MET A 113 -7.65 17.39 -19.43
CA MET A 113 -7.05 18.04 -20.61
C MET A 113 -7.68 19.40 -20.94
N ARG A 114 -9.01 19.47 -20.87
CA ARG A 114 -9.74 20.72 -21.15
C ARG A 114 -9.45 21.81 -20.14
N ASN A 115 -9.51 21.49 -18.86
CA ASN A 115 -9.25 22.49 -17.79
C ASN A 115 -7.83 23.08 -17.82
N ILE A 116 -6.84 22.22 -17.98
CA ILE A 116 -5.45 22.64 -18.07
C ILE A 116 -5.33 23.53 -19.32
N HIS A 117 -5.89 23.09 -20.46
CA HIS A 117 -5.83 23.91 -21.69
C HIS A 117 -6.50 25.26 -21.48
N ASP A 118 -7.61 25.28 -20.74
CA ASP A 118 -8.31 26.54 -20.46
C ASP A 118 -7.44 27.46 -19.64
N ALA A 119 -6.83 26.93 -18.58
CA ALA A 119 -5.92 27.73 -17.75
C ALA A 119 -4.74 28.22 -18.57
N ILE A 120 -4.12 27.32 -19.32
CA ILE A 120 -3.05 27.65 -20.25
C ILE A 120 -3.47 28.74 -21.26
N ARG A 121 -4.67 28.59 -21.82
CA ARG A 121 -5.15 29.56 -22.82
C ARG A 121 -5.45 30.90 -22.13
N SER A 122 -6.02 30.82 -20.93
CA SER A 122 -6.22 32.00 -20.10
C SER A 122 -4.96 32.82 -19.86
N ALA A 123 -3.83 32.13 -19.79
CA ALA A 123 -2.56 32.78 -19.58
C ALA A 123 -2.03 33.17 -20.93
N GLY A 124 -2.74 32.76 -21.97
CA GLY A 124 -2.32 33.10 -23.32
C GLY A 124 -1.08 32.35 -23.70
N LEU A 125 -0.94 31.11 -23.27
CA LEU A 125 0.28 30.33 -23.55
C LEU A 125 -0.04 29.16 -24.47
N GLN A 126 -1.18 29.26 -25.16
CA GLN A 126 -1.69 28.10 -25.90
C GLN A 126 -0.91 27.82 -27.20
N ASP A 127 -0.15 28.81 -27.70
CA ASP A 127 0.66 28.60 -28.93
C ASP A 127 2.08 28.14 -28.64
N GLN A 128 2.47 28.17 -27.36
CA GLN A 128 3.78 27.71 -26.92
C GLN A 128 3.63 26.32 -26.29
N ILE A 129 2.63 26.17 -25.43
CA ILE A 129 2.45 24.95 -24.64
C ILE A 129 1.25 24.13 -25.10
N LYS A 130 1.56 23.03 -25.73
CA LYS A 130 0.55 22.17 -26.32
C LYS A 130 0.10 21.10 -25.33
N VAL A 131 -1.18 21.14 -24.97
CA VAL A 131 -1.75 20.17 -24.05
C VAL A 131 -2.09 18.88 -24.78
N SER A 132 -1.70 17.74 -24.25
CA SER A 132 -2.00 16.46 -24.88
C SER A 132 -2.04 15.35 -23.84
N THR A 133 -2.06 14.11 -24.31
CA THR A 133 -1.98 12.93 -23.47
C THR A 133 -1.12 11.89 -24.18
N ALA A 134 -0.47 11.04 -23.39
CA ALA A 134 0.43 10.04 -23.94
C ALA A 134 -0.20 8.66 -23.88
N ILE A 135 -0.44 8.04 -25.03
CA ILE A 135 -1.06 6.73 -25.06
C ILE A 135 -0.02 5.62 -25.21
N ASP A 136 -0.42 4.37 -24.96
CA ASP A 136 0.32 3.21 -25.46
C ASP A 136 -0.48 2.60 -26.59
N LEU A 137 0.06 1.58 -27.25
CA LEU A 137 -0.62 1.04 -28.40
C LEU A 137 -1.52 -0.16 -28.08
N THR A 138 -1.83 -0.38 -26.81
CA THR A 138 -2.88 -1.35 -26.46
C THR A 138 -4.19 -0.85 -27.02
N LEU A 139 -4.31 0.46 -27.25
CA LEU A 139 -5.51 1.04 -27.84
C LEU A 139 -5.68 0.66 -29.31
N VAL A 140 -4.57 0.35 -29.99
CA VAL A 140 -4.63 -0.12 -31.36
C VAL A 140 -5.00 -1.61 -31.34
N GLY A 141 -6.12 -1.93 -31.96
CA GLY A 141 -6.67 -3.27 -31.99
C GLY A 141 -6.26 -4.18 -33.12
N ASN A 142 -5.92 -3.55 -34.24
CA ASN A 142 -5.50 -4.23 -35.45
C ASN A 142 -4.33 -3.49 -36.13
N SER A 143 -3.35 -4.25 -36.61
CA SER A 143 -2.14 -3.61 -37.11
C SER A 143 -1.45 -4.29 -38.30
N TYR A 144 -2.07 -5.31 -38.87
CA TYR A 144 -1.50 -5.93 -40.06
C TYR A 144 -2.45 -6.02 -41.22
N PRO A 145 -2.09 -5.37 -42.32
CA PRO A 145 -0.92 -4.52 -42.59
C PRO A 145 -1.16 -3.13 -42.02
N PRO A 146 -0.09 -2.33 -41.85
CA PRO A 146 -0.19 -1.04 -41.15
C PRO A 146 -1.34 -0.19 -41.68
N SER A 147 -1.63 -0.27 -42.97
CA SER A 147 -2.74 0.48 -43.60
C SER A 147 -4.10 0.06 -43.01
N ALA A 148 -4.17 -1.14 -42.47
CA ALA A 148 -5.36 -1.66 -41.84
C ALA A 148 -5.47 -1.22 -40.38
N GLY A 149 -4.52 -0.39 -39.94
CA GLY A 149 -4.47 0.09 -38.57
C GLY A 149 -5.79 0.69 -38.09
N ALA A 150 -6.26 0.21 -36.95
CA ALA A 150 -7.56 0.68 -36.45
C ALA A 150 -7.61 0.62 -34.93
N PHE A 151 -8.27 1.58 -34.29
CA PHE A 151 -8.41 1.54 -32.82
C PHE A 151 -9.39 0.44 -32.47
N ARG A 152 -9.20 -0.17 -31.31
CA ARG A 152 -10.15 -1.14 -30.80
C ARG A 152 -11.51 -0.48 -30.71
N ASP A 153 -12.56 -1.14 -31.20
CA ASP A 153 -13.90 -0.54 -31.09
C ASP A 153 -14.28 -0.11 -29.66
N ASP A 154 -13.95 -0.93 -28.66
CA ASP A 154 -14.30 -0.64 -27.27
C ASP A 154 -13.51 0.50 -26.67
N VAL A 155 -12.70 1.16 -27.50
CA VAL A 155 -12.00 2.33 -27.05
C VAL A 155 -12.34 3.65 -27.78
N ARG A 156 -13.20 3.56 -28.78
CA ARG A 156 -13.60 4.74 -29.57
C ARG A 156 -14.32 5.85 -28.78
N SER A 157 -15.19 5.49 -27.83
CA SER A 157 -15.92 6.49 -27.03
C SER A 157 -14.93 7.33 -26.24
N TYR A 158 -13.86 6.69 -25.81
CA TYR A 158 -12.79 7.40 -25.09
C TYR A 158 -12.00 8.25 -26.09
N LEU A 159 -11.39 7.66 -27.14
CA LEU A 159 -10.54 8.43 -28.06
C LEU A 159 -11.17 9.48 -28.96
N ASN A 160 -12.36 9.21 -29.49
CA ASN A 160 -12.94 10.11 -30.48
C ASN A 160 -12.96 11.54 -29.99
N PRO A 161 -13.56 11.82 -28.81
CA PRO A 161 -13.58 13.25 -28.46
C PRO A 161 -12.22 13.81 -28.10
N ILE A 162 -11.28 12.96 -27.73
CA ILE A 162 -9.94 13.43 -27.42
C ILE A 162 -9.24 13.86 -28.70
N ILE A 163 -9.34 13.00 -29.71
CA ILE A 163 -8.95 13.30 -31.09
C ILE A 163 -9.60 14.60 -31.57
N ARG A 164 -10.91 14.70 -31.45
CA ARG A 164 -11.62 15.93 -31.84
C ARG A 164 -11.02 17.11 -31.11
N PHE A 165 -10.96 17.01 -29.80
CA PHE A 165 -10.26 18.01 -29.01
C PHE A 165 -8.86 18.36 -29.45
N LEU A 166 -8.02 17.36 -29.67
CA LEU A 166 -6.63 17.62 -30.08
C LEU A 166 -6.53 18.33 -31.41
N SER A 167 -7.40 17.95 -32.35
CA SER A 167 -7.41 18.55 -33.68
C SER A 167 -7.73 20.03 -33.64
N SER A 168 -8.66 20.39 -32.79
CA SER A 168 -9.17 21.75 -32.75
C SER A 168 -8.17 22.73 -32.13
N ILE A 169 -7.30 22.24 -31.25
CA ILE A 169 -6.32 23.11 -30.61
C ILE A 169 -4.96 22.93 -31.21
N ARG A 170 -4.90 22.09 -32.24
CA ARG A 170 -3.64 21.79 -32.94
C ARG A 170 -2.55 21.23 -32.01
N SER A 171 -2.92 20.24 -31.19
CA SER A 171 -1.94 19.51 -30.38
C SER A 171 -1.60 18.19 -31.04
N PRO A 172 -0.35 17.73 -30.86
CA PRO A 172 -0.10 16.36 -31.34
C PRO A 172 -0.63 15.31 -30.40
N LEU A 173 -0.60 14.04 -30.82
CA LEU A 173 -0.89 12.96 -29.91
C LEU A 173 0.45 12.43 -29.47
N LEU A 174 0.60 12.17 -28.18
CA LEU A 174 1.81 11.56 -27.67
C LEU A 174 1.61 10.04 -27.61
N ALA A 175 2.57 9.26 -28.10
CA ALA A 175 2.49 7.79 -28.10
C ALA A 175 3.79 7.15 -27.59
N ASN A 176 3.68 6.23 -26.63
CA ASN A 176 4.81 5.39 -26.27
C ASN A 176 4.86 4.18 -27.20
N ILE A 177 6.02 3.96 -27.82
CA ILE A 177 6.13 2.96 -28.89
C ILE A 177 7.43 2.16 -28.75
N TYR A 178 7.30 0.86 -28.53
CA TYR A 178 8.45 0.00 -28.26
C TYR A 178 8.51 -1.25 -29.12
N PRO A 179 9.21 -1.15 -30.25
CA PRO A 179 9.50 -2.38 -31.00
C PRO A 179 10.09 -3.51 -30.14
N TYR A 180 10.84 -3.23 -29.07
CA TYR A 180 11.34 -4.29 -28.18
C TYR A 180 10.28 -5.28 -27.66
N PHE A 181 9.18 -4.76 -27.12
CA PHE A 181 8.19 -5.63 -26.49
C PHE A 181 7.44 -6.42 -27.56
N THR A 182 7.22 -5.80 -28.71
CA THR A 182 6.61 -6.46 -29.86
C THR A 182 7.51 -7.66 -30.22
N TYR A 183 8.81 -7.40 -30.40
CA TYR A 183 9.78 -8.43 -30.70
C TYR A 183 9.86 -9.50 -29.61
N ALA A 184 10.01 -9.06 -28.36
CA ALA A 184 10.19 -9.98 -27.25
C ALA A 184 9.03 -10.94 -27.15
N GLY A 185 7.83 -10.48 -27.49
CA GLY A 185 6.66 -11.32 -27.50
C GLY A 185 6.49 -12.29 -28.65
N ASN A 186 7.05 -11.95 -29.80
CA ASN A 186 6.87 -12.78 -30.97
C ASN A 186 8.11 -12.88 -31.88
N PRO A 187 9.24 -13.40 -31.37
CA PRO A 187 10.48 -13.41 -32.16
C PRO A 187 10.38 -14.40 -33.34
N ARG A 188 9.42 -15.31 -33.25
CA ARG A 188 9.13 -16.21 -34.36
C ARG A 188 8.66 -15.44 -35.61
N ASP A 189 7.78 -14.46 -35.42
CA ASP A 189 7.23 -13.72 -36.54
C ASP A 189 7.96 -12.42 -36.76
N ILE A 190 8.62 -11.91 -35.73
CA ILE A 190 9.37 -10.67 -35.86
C ILE A 190 10.86 -10.95 -35.85
N SER A 191 11.56 -10.53 -36.89
CA SER A 191 12.99 -10.79 -36.93
C SER A 191 13.70 -9.66 -36.20
N LEU A 192 14.81 -10.00 -35.55
CA LEU A 192 15.56 -9.03 -34.79
C LEU A 192 15.98 -7.89 -35.74
N PRO A 193 16.50 -8.19 -36.95
CA PRO A 193 16.84 -7.04 -37.81
C PRO A 193 15.64 -6.11 -38.10
N TYR A 194 14.45 -6.67 -38.23
CA TYR A 194 13.26 -5.89 -38.48
C TYR A 194 13.09 -4.92 -37.31
N ALA A 195 13.31 -5.42 -36.12
CA ALA A 195 13.16 -4.60 -34.95
C ALA A 195 14.30 -3.58 -34.74
N LEU A 196 15.47 -3.81 -35.35
CA LEU A 196 16.65 -2.99 -35.06
C LEU A 196 17.03 -2.01 -36.16
N PHE A 197 16.21 -1.88 -37.21
CA PHE A 197 16.55 -1.07 -38.38
C PHE A 197 17.78 -1.59 -39.13
N THR A 198 18.04 -2.90 -39.09
CA THR A 198 19.24 -3.48 -39.73
C THR A 198 18.85 -4.39 -40.88
N SER A 199 17.63 -4.24 -41.34
CA SER A 199 17.13 -5.09 -42.38
C SER A 199 17.52 -4.55 -43.76
N PRO A 200 18.22 -5.38 -44.53
CA PRO A 200 18.66 -4.97 -45.85
C PRO A 200 17.45 -4.84 -46.77
N SER A 201 16.51 -5.77 -46.65
CA SER A 201 15.25 -5.73 -47.40
C SER A 201 14.00 -5.24 -46.67
N VAL A 202 13.00 -4.85 -47.43
CA VAL A 202 11.71 -4.52 -46.84
C VAL A 202 11.15 -5.82 -46.23
N VAL A 203 10.44 -5.72 -45.13
CA VAL A 203 10.00 -6.94 -44.49
C VAL A 203 8.51 -7.07 -44.72
N VAL A 204 7.81 -5.95 -44.85
CA VAL A 204 6.39 -6.04 -45.10
C VAL A 204 6.00 -5.11 -46.25
N TRP A 205 5.36 -5.67 -47.26
CA TRP A 205 4.80 -4.89 -48.36
C TRP A 205 3.32 -4.65 -48.19
N ASP A 206 2.99 -3.37 -48.24
CA ASP A 206 1.66 -2.83 -48.03
C ASP A 206 1.25 -1.93 -49.18
N GLY A 207 0.67 -2.52 -50.23
CA GLY A 207 0.49 -1.82 -51.48
C GLY A 207 1.81 -1.22 -51.93
N GLN A 208 1.89 0.12 -52.02
CA GLN A 208 3.08 0.80 -52.52
C GLN A 208 4.10 1.16 -51.44
N ARG A 209 3.81 0.77 -50.19
CA ARG A 209 4.66 1.08 -49.02
C ARG A 209 5.42 -0.16 -48.58
N GLY A 210 6.75 -0.07 -48.55
CA GLY A 210 7.61 -1.16 -48.11
C GLY A 210 8.08 -0.84 -46.71
N TYR A 211 7.85 -1.72 -45.73
CA TYR A 211 8.29 -1.43 -44.36
C TYR A 211 9.56 -2.21 -44.12
N LYS A 212 10.63 -1.48 -43.82
CA LYS A 212 11.95 -2.08 -43.62
C LYS A 212 12.20 -2.39 -42.16
N ASN A 213 11.54 -1.62 -41.31
CA ASN A 213 11.66 -1.76 -39.87
C ASN A 213 10.34 -1.69 -39.11
N LEU A 214 10.34 -2.30 -37.92
CA LEU A 214 9.18 -2.46 -37.06
C LEU A 214 8.62 -1.15 -36.50
N PHE A 215 9.48 -0.15 -36.33
CA PHE A 215 9.09 1.11 -35.75
C PHE A 215 8.16 1.80 -36.74
N ASP A 216 8.57 1.80 -38.01
CA ASP A 216 7.80 2.42 -39.08
C ASP A 216 6.44 1.74 -39.23
N ALA A 217 6.47 0.41 -39.22
CA ALA A 217 5.26 -0.42 -39.27
C ALA A 217 4.28 -0.05 -38.14
N THR A 218 4.79 0.13 -36.93
CA THR A 218 3.97 0.37 -35.75
C THR A 218 3.40 1.80 -35.76
N LEU A 219 4.24 2.75 -36.13
CA LEU A 219 3.83 4.14 -36.20
C LEU A 219 2.75 4.36 -37.27
N ASP A 220 2.96 3.82 -38.47
CA ASP A 220 2.01 4.02 -39.56
C ASP A 220 0.67 3.34 -39.25
N ALA A 221 0.70 2.22 -38.53
CA ALA A 221 -0.56 1.65 -38.07
C ALA A 221 -1.29 2.65 -37.18
N LEU A 222 -0.56 3.37 -36.35
CA LEU A 222 -1.19 4.39 -35.51
C LEU A 222 -1.77 5.49 -36.39
N TYR A 223 -0.99 5.95 -37.37
CA TYR A 223 -1.42 7.02 -38.28
C TYR A 223 -2.71 6.63 -38.98
N SER A 224 -2.78 5.37 -39.43
CA SER A 224 -3.95 4.81 -40.12
C SER A 224 -5.15 4.76 -39.17
N ALA A 225 -4.89 4.46 -37.90
CA ALA A 225 -5.99 4.40 -36.96
C ALA A 225 -6.56 5.78 -36.70
N LEU A 226 -5.70 6.78 -36.61
CA LEU A 226 -6.11 8.16 -36.46
C LEU A 226 -6.94 8.61 -37.66
N GLU A 227 -6.50 8.25 -38.87
CA GLU A 227 -7.21 8.60 -40.11
C GLU A 227 -8.62 8.04 -40.13
N ARG A 228 -8.79 6.81 -39.68
CA ARG A 228 -10.13 6.27 -39.52
C ARG A 228 -11.01 6.89 -38.42
N ALA A 229 -10.44 7.67 -37.52
CA ALA A 229 -11.18 8.28 -36.41
C ALA A 229 -11.14 9.81 -36.47
N SER A 230 -11.04 10.36 -37.68
CA SER A 230 -11.09 11.80 -37.91
C SER A 230 -9.95 12.56 -37.25
N GLY A 231 -8.77 11.94 -37.18
CA GLY A 231 -7.60 12.63 -36.69
C GLY A 231 -6.45 12.60 -37.69
N GLY A 232 -6.83 12.61 -38.95
CA GLY A 232 -5.90 12.55 -40.06
C GLY A 232 -4.95 13.73 -40.12
N SER A 233 -5.23 14.80 -39.38
CA SER A 233 -4.27 15.89 -39.35
C SER A 233 -3.38 15.96 -38.12
N LEU A 234 -3.47 14.98 -37.23
CA LEU A 234 -2.63 15.00 -36.04
C LEU A 234 -1.20 14.55 -36.30
N GLU A 235 -0.24 15.31 -35.77
CA GLU A 235 1.14 14.87 -35.71
C GLU A 235 1.23 13.88 -34.55
N VAL A 236 2.10 12.88 -34.66
CA VAL A 236 2.39 12.04 -33.51
C VAL A 236 3.79 12.32 -32.99
N VAL A 237 3.87 12.70 -31.72
CA VAL A 237 5.12 12.74 -31.00
C VAL A 237 5.35 11.41 -30.29
N VAL A 238 6.46 10.77 -30.57
CA VAL A 238 6.82 9.52 -29.89
C VAL A 238 7.36 9.87 -28.51
N SER A 239 6.54 9.73 -27.48
CA SER A 239 6.87 10.26 -26.18
C SER A 239 7.68 9.28 -25.31
N GLU A 240 7.83 8.04 -25.78
CA GLU A 240 8.82 7.08 -25.26
C GLU A 240 9.27 6.09 -26.34
N SER A 241 10.54 5.74 -26.31
CA SER A 241 11.03 4.60 -27.04
C SER A 241 12.41 4.22 -26.53
N GLY A 242 12.63 2.92 -26.34
CA GLY A 242 13.86 2.45 -25.77
C GLY A 242 14.03 0.96 -25.92
N TRP A 243 15.21 0.49 -25.58
CA TRP A 243 15.51 -0.92 -25.66
C TRP A 243 16.30 -1.27 -24.39
N PRO A 244 15.88 -2.31 -23.67
CA PRO A 244 16.54 -2.57 -22.38
C PRO A 244 17.91 -3.25 -22.57
N SER A 245 18.89 -2.88 -21.76
CA SER A 245 20.24 -3.44 -21.86
C SER A 245 20.38 -4.82 -21.17
N ALA A 246 19.44 -5.18 -20.30
CA ALA A 246 19.48 -6.47 -19.63
C ALA A 246 18.12 -6.80 -19.06
N GLY A 247 17.94 -8.04 -18.58
CA GLY A 247 16.80 -8.36 -17.74
C GLY A 247 15.77 -9.30 -18.31
N ALA A 248 15.95 -9.65 -19.57
CA ALA A 248 14.98 -10.47 -20.28
C ALA A 248 15.51 -10.75 -21.65
N PHE A 249 14.82 -11.65 -22.37
CA PHE A 249 15.18 -12.06 -23.71
C PHE A 249 15.50 -10.89 -24.62
N ALA A 250 16.68 -10.95 -25.22
CA ALA A 250 17.15 -9.97 -26.20
C ALA A 250 17.45 -8.62 -25.56
N ALA A 251 17.37 -8.54 -24.24
CA ALA A 251 17.84 -7.32 -23.56
C ALA A 251 19.34 -7.38 -23.30
N THR A 252 20.10 -6.81 -24.23
CA THR A 252 21.55 -6.81 -24.25
C THR A 252 22.08 -5.43 -24.69
N PHE A 253 23.30 -5.11 -24.27
CA PHE A 253 24.03 -3.89 -24.64
C PHE A 253 24.11 -3.64 -26.16
N ASP A 254 24.43 -4.68 -26.93
CA ASP A 254 24.59 -4.54 -28.38
C ASP A 254 23.24 -4.24 -29.04
N ASN A 255 22.21 -4.99 -28.68
CA ASN A 255 20.86 -4.67 -29.16
C ASN A 255 20.43 -3.24 -28.80
N GLY A 256 20.63 -2.86 -27.54
CA GLY A 256 20.38 -1.51 -27.06
C GLY A 256 21.06 -0.45 -27.90
N ARG A 257 22.34 -0.65 -28.13
CA ARG A 257 23.18 0.28 -28.84
C ARG A 257 22.73 0.41 -30.29
N THR A 258 22.43 -0.73 -30.91
CA THR A 258 21.95 -0.77 -32.27
C THR A 258 20.64 -0.01 -32.39
N TYR A 259 19.63 -0.43 -31.62
CA TYR A 259 18.31 0.19 -31.67
C TYR A 259 18.31 1.71 -31.54
N LEU A 260 18.96 2.18 -30.47
CA LEU A 260 18.94 3.61 -30.16
C LEU A 260 19.68 4.49 -31.13
N SER A 261 20.82 4.01 -31.62
CA SER A 261 21.57 4.77 -32.57
C SER A 261 20.84 4.85 -33.91
N ASN A 262 20.33 3.72 -34.39
CA ASN A 262 19.54 3.73 -35.61
C ASN A 262 18.28 4.57 -35.49
N LEU A 263 17.66 4.53 -34.31
CA LEU A 263 16.45 5.32 -34.11
C LEU A 263 16.77 6.79 -34.28
N ILE A 264 17.82 7.24 -33.63
CA ILE A 264 18.23 8.64 -33.71
C ILE A 264 18.44 9.09 -35.17
N GLN A 265 19.01 8.23 -35.99
CA GLN A 265 19.23 8.55 -37.40
C GLN A 265 17.92 8.49 -38.18
N HIS A 266 17.15 7.43 -37.94
CA HIS A 266 15.86 7.27 -38.59
C HIS A 266 14.93 8.47 -38.45
N VAL A 267 14.78 8.97 -37.22
CA VAL A 267 13.75 9.99 -36.95
C VAL A 267 14.10 11.41 -37.44
N LYS A 268 15.21 11.54 -38.14
CA LYS A 268 15.54 12.79 -38.83
C LYS A 268 14.59 12.94 -40.02
N ARG A 269 14.01 11.80 -40.43
CA ARG A 269 13.00 11.75 -41.49
C ARG A 269 11.74 11.02 -40.98
N GLY A 270 10.79 10.78 -41.89
CA GLY A 270 9.50 10.26 -41.51
C GLY A 270 9.30 8.82 -41.90
N THR A 271 8.05 8.44 -42.09
CA THR A 271 7.66 7.06 -42.33
C THR A 271 7.19 6.89 -43.76
N PRO A 272 7.01 5.65 -44.23
CA PRO A 272 6.43 5.49 -45.57
C PRO A 272 5.09 6.18 -45.81
N LYS A 273 4.33 6.51 -44.77
CA LYS A 273 3.05 7.16 -44.99
C LYS A 273 3.19 8.68 -44.94
N ARG A 274 4.19 9.12 -44.19
CA ARG A 274 4.51 10.54 -44.02
C ARG A 274 6.02 10.67 -44.05
N PRO A 275 6.63 10.69 -45.24
CA PRO A 275 8.09 10.55 -45.44
C PRO A 275 8.94 11.79 -45.16
N LYS A 276 8.40 12.99 -45.36
CA LYS A 276 9.23 14.19 -45.29
C LYS A 276 9.66 14.57 -43.87
N ARG A 277 8.69 14.84 -42.99
CA ARG A 277 8.95 15.51 -41.72
C ARG A 277 9.61 14.57 -40.69
N ALA A 278 10.59 15.10 -39.95
CA ALA A 278 11.24 14.43 -38.82
C ALA A 278 10.22 14.00 -37.76
N ILE A 279 10.48 12.88 -37.10
CA ILE A 279 9.60 12.43 -36.05
C ILE A 279 10.13 12.83 -34.67
N GLU A 280 9.46 13.76 -33.99
CA GLU A 280 9.87 14.11 -32.62
C GLU A 280 9.76 12.89 -31.70
N THR A 281 10.88 12.54 -31.11
CA THR A 281 11.05 11.31 -30.39
C THR A 281 11.76 11.51 -29.08
N TYR A 282 11.22 10.89 -28.03
CA TYR A 282 11.85 10.89 -26.73
C TYR A 282 12.33 9.50 -26.31
N LEU A 283 13.65 9.36 -26.23
CA LEU A 283 14.27 8.10 -25.83
C LEU A 283 13.99 7.78 -24.35
N PHE A 284 13.64 6.54 -24.07
CA PHE A 284 13.43 6.10 -22.71
C PHE A 284 14.53 5.14 -22.30
N ALA A 285 15.40 5.49 -21.34
CA ALA A 285 15.35 6.72 -20.57
C ALA A 285 16.78 7.07 -20.19
N MET A 286 16.98 8.22 -19.55
CA MET A 286 18.33 8.74 -19.30
C MET A 286 19.11 7.81 -18.42
N PHE A 287 18.46 7.39 -17.34
CA PHE A 287 19.07 6.51 -16.36
C PHE A 287 18.28 5.26 -16.17
N ASP A 288 18.96 4.15 -15.86
CA ASP A 288 18.30 2.96 -15.31
C ASP A 288 17.51 3.40 -14.07
N GLU A 289 16.47 2.67 -13.72
CA GLU A 289 15.61 3.02 -12.58
C GLU A 289 15.41 1.76 -11.75
N ASN A 290 16.35 1.51 -10.83
CA ASN A 290 16.45 0.24 -10.10
C ASN A 290 15.28 -0.09 -9.19
N LYS A 291 14.33 0.83 -9.05
CA LYS A 291 13.16 0.60 -8.19
C LYS A 291 11.96 0.06 -8.97
N LYS A 292 12.06 0.04 -10.29
CA LYS A 292 10.93 -0.40 -11.09
C LYS A 292 10.81 -1.91 -11.15
N GLN A 293 9.59 -2.37 -11.41
CA GLN A 293 9.25 -3.78 -11.55
C GLN A 293 8.47 -3.98 -12.86
N PRO A 294 8.69 -5.09 -13.54
CA PRO A 294 9.57 -6.22 -13.21
C PRO A 294 11.00 -5.94 -13.67
N GLU A 295 11.81 -7.00 -13.74
CA GLU A 295 13.25 -6.85 -13.96
C GLU A 295 13.66 -6.08 -15.20
N VAL A 296 12.95 -6.26 -16.31
CA VAL A 296 13.42 -5.70 -17.54
C VAL A 296 13.28 -4.17 -17.48
N GLU A 297 12.35 -3.69 -16.66
CA GLU A 297 12.10 -2.25 -16.54
C GLU A 297 13.16 -1.49 -15.72
N LYS A 298 14.21 -2.18 -15.30
CA LYS A 298 15.28 -1.53 -14.58
C LYS A 298 16.47 -1.28 -15.49
N HIS A 299 16.33 -1.50 -16.79
CA HIS A 299 17.49 -1.42 -17.66
C HIS A 299 17.34 -0.56 -18.93
N PHE A 300 16.47 0.43 -18.89
CA PHE A 300 16.25 1.28 -20.04
C PHE A 300 17.19 2.47 -20.09
N GLY A 301 18.05 2.59 -19.08
CA GLY A 301 18.98 3.70 -19.00
C GLY A 301 19.86 3.89 -20.23
N LEU A 302 20.13 5.14 -20.52
CA LEU A 302 21.01 5.52 -21.59
C LEU A 302 22.39 5.80 -20.95
N PHE A 303 22.34 6.15 -19.66
CA PHE A 303 23.51 6.48 -18.84
C PHE A 303 23.67 5.62 -17.60
N PHE A 304 24.93 5.36 -17.24
CA PHE A 304 25.24 4.78 -15.94
C PHE A 304 25.07 5.85 -14.89
N PRO A 305 25.06 5.46 -13.63
CA PRO A 305 24.91 6.53 -12.64
C PRO A 305 26.16 7.41 -12.49
N ASN A 306 27.35 6.97 -12.92
CA ASN A 306 28.47 7.91 -12.91
C ASN A 306 28.37 8.86 -14.09
N LYS A 307 27.24 8.79 -14.83
CA LYS A 307 26.96 9.74 -15.95
C LYS A 307 27.76 9.46 -17.22
N TRP A 308 28.38 8.29 -17.26
CA TRP A 308 29.03 7.78 -18.48
C TRP A 308 27.94 7.04 -19.27
N GLN A 309 27.93 7.26 -20.57
CA GLN A 309 26.98 6.69 -21.51
C GLN A 309 27.17 5.19 -21.62
N LYS A 310 26.08 4.42 -21.67
CA LYS A 310 26.13 2.99 -21.98
C LYS A 310 26.59 2.79 -23.41
N TYR A 311 26.06 3.61 -24.31
CA TYR A 311 26.11 3.23 -25.72
C TYR A 311 26.88 4.18 -26.63
N ASN A 312 27.29 5.33 -26.08
CA ASN A 312 28.10 6.26 -26.85
C ASN A 312 27.32 6.78 -28.05
N LEU A 313 26.26 7.53 -27.77
CA LEU A 313 25.33 8.00 -28.78
C LEU A 313 25.61 9.46 -29.13
N ASN A 314 25.42 9.82 -30.39
CA ASN A 314 25.36 11.24 -30.76
C ASN A 314 23.91 11.72 -30.67
N PHE A 315 23.67 12.73 -29.83
CA PHE A 315 22.33 13.30 -29.67
C PHE A 315 22.00 14.49 -30.56
N SER A 316 23.00 15.03 -31.24
CA SER A 316 22.70 16.07 -32.19
C SER A 316 22.25 15.44 -33.48
N VAL B 2 12.08 2.53 13.20
CA VAL B 2 13.36 2.04 13.68
C VAL B 2 13.13 0.70 14.40
N GLY B 3 14.14 -0.17 14.38
CA GLY B 3 14.08 -1.42 15.11
C GLY B 3 15.07 -1.37 16.26
N VAL B 4 15.05 -2.38 17.11
CA VAL B 4 15.97 -2.48 18.23
C VAL B 4 16.50 -3.89 18.38
N CYS B 5 17.81 -4.00 18.55
CA CYS B 5 18.43 -5.30 18.78
C CYS B 5 18.23 -5.80 20.21
N TYR B 6 17.79 -7.04 20.31
CA TYR B 6 17.54 -7.69 21.58
C TYR B 6 18.67 -8.68 21.89
N GLY B 7 19.70 -8.20 22.59
CA GLY B 7 20.74 -9.06 23.09
C GLY B 7 20.32 -9.54 24.47
N MET B 8 20.59 -10.81 24.78
CA MET B 8 20.14 -11.37 26.03
C MET B 8 21.27 -11.69 27.00
N GLN B 9 22.47 -11.20 26.75
CA GLN B 9 23.62 -11.58 27.59
C GLN B 9 23.81 -10.79 28.85
N GLY B 10 22.76 -10.77 29.69
CA GLY B 10 22.84 -10.16 31.00
C GLY B 10 22.21 -11.09 32.04
N ASN B 11 22.59 -10.93 33.31
CA ASN B 11 22.08 -11.81 34.35
C ASN B 11 20.84 -11.24 35.07
N ASN B 12 20.38 -10.08 34.63
CA ASN B 12 19.34 -9.32 35.31
C ASN B 12 18.23 -8.80 34.38
N LEU B 13 18.02 -9.48 33.28
CA LEU B 13 17.07 -9.01 32.27
C LEU B 13 15.65 -9.50 32.57
N PRO B 14 14.63 -8.75 32.12
CA PRO B 14 13.29 -9.28 32.31
C PRO B 14 13.12 -10.62 31.59
N PRO B 15 12.16 -11.45 32.03
CA PRO B 15 11.85 -12.68 31.30
C PRO B 15 11.49 -12.35 29.87
N VAL B 16 11.78 -13.25 28.92
CA VAL B 16 11.44 -13.04 27.52
C VAL B 16 10.05 -12.46 27.28
N SER B 17 9.05 -13.02 27.96
CA SER B 17 7.67 -12.62 27.72
C SER B 17 7.44 -11.12 27.97
N GLU B 18 8.12 -10.61 29.00
CA GLU B 18 8.05 -9.21 29.37
C GLU B 18 8.77 -8.32 28.37
N VAL B 19 9.87 -8.80 27.80
CA VAL B 19 10.61 -8.02 26.81
C VAL B 19 9.77 -7.76 25.56
N ILE B 20 9.07 -8.80 25.11
CA ILE B 20 8.13 -8.65 23.98
C ILE B 20 7.02 -7.64 24.32
N ALA B 21 6.37 -7.83 25.47
CA ALA B 21 5.39 -6.85 25.99
C ALA B 21 5.96 -5.44 25.96
N LEU B 22 7.19 -5.29 26.47
CA LEU B 22 7.89 -4.00 26.52
C LEU B 22 8.16 -3.44 25.12
N TYR B 23 8.31 -4.30 24.13
CA TYR B 23 8.45 -3.85 22.75
C TYR B 23 7.12 -3.27 22.25
N LYS B 24 6.05 -4.04 22.45
CA LYS B 24 4.71 -3.63 22.04
C LYS B 24 4.31 -2.33 22.74
N LYS B 25 4.53 -2.31 24.04
CA LYS B 25 4.23 -1.14 24.85
C LYS B 25 4.88 0.12 24.27
N SER B 26 6.16 -0.02 23.90
CA SER B 26 6.94 1.11 23.40
C SER B 26 6.72 1.36 21.91
N ASN B 27 5.88 0.56 21.26
CA ASN B 27 5.62 0.70 19.83
C ASN B 27 6.88 0.49 18.94
N ILE B 28 7.75 -0.41 19.36
CA ILE B 28 8.88 -0.85 18.54
C ILE B 28 8.43 -1.97 17.62
N THR B 29 8.37 -1.73 16.32
CA THR B 29 7.81 -2.71 15.38
C THR B 29 8.84 -3.56 14.62
N ARG B 30 10.11 -3.46 14.98
CA ARG B 30 11.16 -4.28 14.37
C ARG B 30 12.17 -4.75 15.43
N MET B 31 12.49 -6.04 15.40
CA MET B 31 13.40 -6.65 16.37
C MET B 31 14.50 -7.45 15.63
N ARG B 32 15.72 -7.41 16.16
CA ARG B 32 16.76 -8.29 15.66
C ARG B 32 17.23 -9.22 16.77
N ILE B 33 17.16 -10.52 16.54
CA ILE B 33 17.80 -11.47 17.44
C ILE B 33 19.00 -12.16 16.76
N TYR B 34 19.90 -12.71 17.56
CA TYR B 34 21.15 -13.22 17.03
C TYR B 34 21.20 -14.76 16.95
N ASP B 35 20.18 -15.43 17.47
CA ASP B 35 20.06 -16.88 17.30
C ASP B 35 18.59 -17.25 17.27
N PRO B 36 18.26 -18.46 16.80
CA PRO B 36 16.83 -18.76 16.81
C PRO B 36 16.35 -19.29 18.18
N ASN B 37 16.38 -18.38 19.15
CA ASN B 37 15.91 -18.65 20.52
C ASN B 37 14.43 -19.01 20.52
N GLN B 38 14.09 -20.22 20.98
CA GLN B 38 12.70 -20.69 20.90
C GLN B 38 11.73 -19.82 21.69
N ALA B 39 12.11 -19.48 22.93
CA ALA B 39 11.23 -18.68 23.79
C ALA B 39 10.88 -17.35 23.17
N VAL B 40 11.89 -16.67 22.64
CA VAL B 40 11.65 -15.40 21.99
C VAL B 40 10.73 -15.62 20.77
N LEU B 41 11.01 -16.69 20.03
CA LEU B 41 10.21 -16.98 18.84
C LEU B 41 8.76 -17.25 19.22
N GLU B 42 8.57 -18.04 20.27
CA GLU B 42 7.22 -18.27 20.77
C GLU B 42 6.59 -17.01 21.32
N ALA B 43 7.39 -16.09 21.85
CA ALA B 43 6.77 -14.92 22.47
C ALA B 43 6.33 -13.87 21.45
N LEU B 44 6.81 -14.00 20.21
CA LEU B 44 6.50 -13.00 19.19
C LEU B 44 5.23 -13.28 18.41
N ARG B 45 4.49 -14.30 18.82
CA ARG B 45 3.33 -14.78 18.05
C ARG B 45 2.20 -13.78 18.03
N GLY B 46 1.81 -13.32 16.84
CA GLY B 46 0.80 -12.30 16.74
C GLY B 46 1.30 -10.93 17.15
N SER B 47 2.60 -10.79 17.40
CA SER B 47 3.11 -9.52 17.86
C SER B 47 3.13 -8.42 16.79
N ASN B 48 3.12 -8.82 15.52
CA ASN B 48 3.30 -7.90 14.38
C ASN B 48 4.67 -7.18 14.38
N ILE B 49 5.59 -7.69 15.20
CA ILE B 49 6.97 -7.18 15.25
C ILE B 49 7.78 -7.84 14.11
N GLU B 50 8.26 -7.06 13.14
CA GLU B 50 9.06 -7.59 12.03
C GLU B 50 10.40 -8.11 12.54
N LEU B 51 10.83 -9.29 12.09
CA LEU B 51 12.02 -9.91 12.70
C LEU B 51 13.25 -10.12 11.81
N ILE B 52 14.41 -9.72 12.30
CA ILE B 52 15.65 -10.19 11.75
C ILE B 52 16.08 -11.41 12.58
N LEU B 53 16.05 -12.57 11.95
CA LEU B 53 16.44 -13.83 12.57
C LEU B 53 17.90 -14.11 12.24
N GLY B 54 18.70 -14.27 13.26
CA GLY B 54 20.13 -14.45 13.04
C GLY B 54 20.50 -15.91 13.03
N VAL B 55 21.39 -16.26 12.10
CA VAL B 55 22.11 -17.51 12.10
C VAL B 55 23.40 -17.29 12.86
N PRO B 56 23.64 -18.04 13.92
CA PRO B 56 24.86 -17.79 14.70
C PRO B 56 26.11 -18.23 13.94
N ASN B 57 27.21 -17.52 14.11
CA ASN B 57 28.43 -17.83 13.39
C ASN B 57 28.78 -19.29 13.65
N SER B 58 28.48 -19.74 14.87
CA SER B 58 28.78 -21.12 15.26
C SER B 58 28.03 -22.19 14.47
N ASP B 59 26.91 -21.83 13.84
CA ASP B 59 26.13 -22.81 13.06
C ASP B 59 26.38 -22.78 11.54
N LEU B 60 27.17 -21.82 11.05
CA LEU B 60 27.48 -21.66 9.61
C LEU B 60 28.03 -22.92 8.88
N GLN B 61 28.93 -23.65 9.52
CA GLN B 61 29.55 -24.80 8.86
C GLN B 61 28.47 -25.84 8.59
N SER B 62 27.77 -26.21 9.66
CA SER B 62 26.65 -27.15 9.62
C SER B 62 25.67 -26.83 8.50
N LEU B 63 25.42 -25.54 8.25
CA LEU B 63 24.37 -25.10 7.31
C LEU B 63 24.87 -25.09 5.86
N THR B 64 26.15 -25.40 5.66
CA THR B 64 26.71 -25.56 4.31
C THR B 64 26.26 -26.94 3.79
N ASN B 65 25.67 -27.73 4.68
CA ASN B 65 25.00 -28.94 4.28
C ASN B 65 23.57 -28.58 3.98
N PRO B 66 23.11 -28.86 2.75
CA PRO B 66 21.76 -28.50 2.29
C PRO B 66 20.67 -29.07 3.17
N SER B 67 20.83 -30.35 3.51
CA SER B 67 19.85 -31.03 4.33
C SER B 67 19.79 -30.41 5.73
N ASN B 68 20.95 -30.02 6.25
CA ASN B 68 21.00 -29.32 7.52
C ASN B 68 20.31 -27.96 7.44
N ALA B 69 20.49 -27.26 6.32
CA ALA B 69 19.85 -25.96 6.13
C ALA B 69 18.35 -26.12 6.00
N LYS B 70 17.92 -27.15 5.30
CA LYS B 70 16.49 -27.41 5.10
C LYS B 70 15.84 -27.55 6.48
N SER B 71 16.39 -28.40 7.33
CA SER B 71 15.86 -28.60 8.67
C SER B 71 15.93 -27.37 9.59
N TRP B 72 16.91 -26.50 9.38
CA TRP B 72 17.01 -25.27 10.13
C TRP B 72 15.87 -24.34 9.75
N VAL B 73 15.67 -24.16 8.45
CA VAL B 73 14.53 -23.39 7.97
C VAL B 73 13.18 -23.96 8.44
N GLN B 74 13.05 -25.29 8.46
CA GLN B 74 11.81 -25.92 8.92
C GLN B 74 11.50 -25.59 10.39
N LYS B 75 12.49 -25.83 11.24
CA LYS B 75 12.37 -25.68 12.69
C LYS B 75 12.25 -24.23 13.15
N ASN B 76 13.08 -23.35 12.57
CA ASN B 76 13.17 -21.99 13.11
C ASN B 76 12.38 -20.94 12.32
N VAL B 77 11.97 -21.28 11.10
CA VAL B 77 11.24 -20.34 10.26
C VAL B 77 9.82 -20.83 9.95
N ARG B 78 9.70 -21.95 9.26
CA ARG B 78 8.38 -22.44 8.85
C ARG B 78 7.51 -22.79 10.06
N GLY B 79 8.18 -23.13 11.16
CA GLY B 79 7.52 -23.50 12.38
C GLY B 79 6.84 -22.31 13.04
N PHE B 80 7.08 -21.11 12.52
CA PHE B 80 6.61 -19.89 13.19
C PHE B 80 6.00 -18.86 12.21
N TRP B 81 6.12 -19.14 10.92
CA TRP B 81 5.71 -18.17 9.91
C TRP B 81 4.22 -17.81 10.00
N SER B 82 3.41 -18.75 10.46
CA SER B 82 2.02 -18.45 10.78
C SER B 82 1.91 -17.16 11.66
N SER B 83 2.81 -17.00 12.62
CA SER B 83 2.61 -16.03 13.70
C SER B 83 3.77 -15.07 13.97
N VAL B 84 4.88 -15.26 13.26
CA VAL B 84 6.07 -14.45 13.44
C VAL B 84 6.44 -13.80 12.12
N ARG B 85 6.58 -12.49 12.10
CA ARG B 85 6.87 -11.76 10.86
C ARG B 85 8.35 -11.69 10.50
N PHE B 86 8.89 -12.80 10.04
CA PHE B 86 10.22 -12.79 9.47
C PHE B 86 10.36 -11.78 8.32
N ARG B 87 11.38 -10.93 8.45
CA ARG B 87 11.70 -9.94 7.44
C ARG B 87 13.06 -10.26 6.79
N TYR B 88 14.12 -10.41 7.59
CA TYR B 88 15.42 -10.83 7.04
C TYR B 88 15.99 -11.99 7.85
N ILE B 89 16.71 -12.89 7.18
CA ILE B 89 17.56 -13.82 7.90
C ILE B 89 19.04 -13.39 7.74
N ALA B 90 19.68 -13.12 8.86
CA ALA B 90 21.05 -12.65 8.91
C ALA B 90 21.98 -13.82 9.04
N VAL B 91 22.48 -14.33 7.94
CA VAL B 91 23.33 -15.51 7.96
C VAL B 91 24.80 -15.17 8.29
N GLY B 92 25.15 -15.23 9.57
CA GLY B 92 26.46 -14.83 10.01
C GLY B 92 26.46 -13.36 10.38
N ASN B 93 27.36 -12.98 11.28
CA ASN B 93 27.42 -11.61 11.76
C ASN B 93 28.88 -11.22 11.83
N GLU B 94 29.22 -10.11 11.17
CA GLU B 94 30.58 -9.56 11.19
C GLU B 94 31.70 -10.52 10.78
N ILE B 95 31.44 -11.34 9.77
CA ILE B 95 32.44 -12.28 9.30
C ILE B 95 33.40 -11.58 8.34
N SER B 96 34.69 -11.79 8.56
CA SER B 96 35.66 -11.28 7.63
C SER B 96 36.69 -12.35 7.27
N PRO B 97 37.10 -12.38 6.00
CA PRO B 97 38.06 -13.41 5.64
C PRO B 97 39.48 -13.05 6.08
N VAL B 98 39.68 -11.91 6.73
CA VAL B 98 41.01 -11.48 7.13
C VAL B 98 41.10 -11.09 8.62
N ASN B 99 39.98 -11.11 9.33
CA ASN B 99 40.04 -10.89 10.79
C ASN B 99 40.21 -12.20 11.51
N ARG B 100 41.10 -12.20 12.50
CA ARG B 100 41.46 -13.41 13.24
C ARG B 100 40.25 -14.16 13.84
N GLY B 101 39.29 -13.42 14.35
CA GLY B 101 38.14 -14.02 14.98
C GLY B 101 37.23 -14.82 14.08
N THR B 102 37.16 -14.49 12.80
CA THR B 102 36.19 -15.10 11.90
C THR B 102 36.75 -15.63 10.56
N ALA B 103 38.06 -15.48 10.31
CA ALA B 103 38.66 -15.85 9.01
C ALA B 103 38.32 -17.28 8.57
N TRP B 104 38.46 -18.23 9.50
CA TRP B 104 38.12 -19.64 9.31
C TRP B 104 36.62 -19.90 9.10
N LEU B 105 35.80 -18.86 9.03
CA LEU B 105 34.37 -19.02 8.80
C LEU B 105 33.90 -18.46 7.47
N ALA B 106 34.74 -17.62 6.87
CA ALA B 106 34.40 -16.91 5.64
C ALA B 106 33.95 -17.85 4.53
N GLN B 107 34.68 -18.96 4.36
CA GLN B 107 34.31 -20.04 3.42
C GLN B 107 32.84 -20.47 3.53
N PHE B 108 32.28 -20.43 4.74
CA PHE B 108 30.99 -21.03 5.00
C PHE B 108 29.83 -20.13 4.65
N VAL B 109 30.07 -18.82 4.58
CA VAL B 109 28.97 -17.88 4.55
C VAL B 109 28.05 -17.97 3.32
N LEU B 110 28.58 -17.74 2.13
CA LEU B 110 27.80 -17.86 0.89
C LEU B 110 27.12 -19.24 0.73
N PRO B 111 27.80 -20.36 1.05
CA PRO B 111 27.09 -21.64 0.91
C PRO B 111 25.90 -21.77 1.84
N ALA B 112 26.06 -21.37 3.09
CA ALA B 112 24.96 -21.28 4.04
C ALA B 112 23.80 -20.42 3.50
N MET B 113 24.13 -19.23 3.01
CA MET B 113 23.17 -18.32 2.39
C MET B 113 22.43 -18.95 1.24
N ARG B 114 23.16 -19.69 0.39
CA ARG B 114 22.53 -20.37 -0.75
C ARG B 114 21.57 -21.47 -0.30
N ASN B 115 22.02 -22.32 0.62
CA ASN B 115 21.16 -23.40 1.12
C ASN B 115 19.90 -22.88 1.81
N ILE B 116 20.07 -21.88 2.67
CA ILE B 116 18.95 -21.23 3.36
C ILE B 116 17.99 -20.60 2.36
N HIS B 117 18.51 -19.83 1.41
CA HIS B 117 17.66 -19.20 0.39
C HIS B 117 16.89 -20.23 -0.43
N ASP B 118 17.55 -21.35 -0.73
CA ASP B 118 16.95 -22.42 -1.52
C ASP B 118 15.78 -23.01 -0.75
N ALA B 119 15.99 -23.28 0.54
CA ALA B 119 14.94 -23.80 1.42
C ALA B 119 13.78 -22.85 1.55
N ILE B 120 14.08 -21.59 1.82
CA ILE B 120 13.08 -20.51 1.87
C ILE B 120 12.28 -20.48 0.58
N ARG B 121 12.97 -20.60 -0.54
CA ARG B 121 12.32 -20.54 -1.84
C ARG B 121 11.46 -21.78 -2.10
N SER B 122 11.97 -22.95 -1.71
CA SER B 122 11.18 -24.19 -1.74
C SER B 122 9.89 -24.08 -0.95
N ALA B 123 9.90 -23.28 0.12
CA ALA B 123 8.71 -23.11 0.94
C ALA B 123 7.83 -21.99 0.41
N GLY B 124 8.35 -21.33 -0.62
CA GLY B 124 7.66 -20.25 -1.30
C GLY B 124 7.59 -18.96 -0.51
N LEU B 125 8.63 -18.67 0.26
CA LEU B 125 8.64 -17.50 1.14
C LEU B 125 9.66 -16.45 0.72
N GLN B 126 10.11 -16.51 -0.52
CA GLN B 126 11.23 -15.69 -0.97
C GLN B 126 10.91 -14.21 -1.18
N ASP B 127 9.64 -13.86 -1.32
CA ASP B 127 9.30 -12.46 -1.50
C ASP B 127 9.00 -11.85 -0.14
N GLN B 128 8.92 -12.70 0.89
CA GLN B 128 8.71 -12.25 2.26
C GLN B 128 10.03 -12.27 3.08
N ILE B 129 10.78 -13.36 3.01
CA ILE B 129 11.95 -13.52 3.87
C ILE B 129 13.24 -13.40 3.04
N LYS B 130 13.93 -12.27 3.24
CA LYS B 130 15.12 -11.90 2.48
C LYS B 130 16.39 -12.41 3.18
N VAL B 131 17.11 -13.30 2.49
CA VAL B 131 18.34 -13.87 3.01
C VAL B 131 19.50 -12.89 2.81
N SER B 132 20.29 -12.67 3.85
CA SER B 132 21.41 -11.76 3.76
C SER B 132 22.51 -12.15 4.76
N THR B 133 23.48 -11.27 4.93
CA THR B 133 24.52 -11.44 5.95
C THR B 133 24.81 -10.04 6.51
N ALA B 134 25.24 -9.97 7.77
CA ALA B 134 25.49 -8.70 8.43
C ALA B 134 26.98 -8.45 8.56
N ILE B 135 27.48 -7.40 7.91
CA ILE B 135 28.90 -7.09 7.96
C ILE B 135 29.24 -6.01 8.99
N ASP B 136 30.52 -5.87 9.32
CA ASP B 136 31.01 -4.65 9.92
C ASP B 136 31.83 -3.93 8.84
N LEU B 137 32.29 -2.73 9.12
CA LEU B 137 32.99 -1.94 8.11
C LEU B 137 34.49 -2.11 8.16
N THR B 138 34.98 -3.15 8.85
CA THR B 138 36.39 -3.47 8.75
C THR B 138 36.71 -3.86 7.32
N LEU B 139 35.68 -4.31 6.59
CA LEU B 139 35.80 -4.68 5.17
C LEU B 139 36.03 -3.46 4.26
N VAL B 140 35.59 -2.29 4.69
CA VAL B 140 35.84 -1.06 3.96
C VAL B 140 37.25 -0.60 4.27
N GLY B 141 38.10 -0.51 3.27
CA GLY B 141 39.49 -0.14 3.49
C GLY B 141 39.72 1.36 3.44
N ASN B 142 38.90 2.06 2.69
CA ASN B 142 39.01 3.49 2.58
C ASN B 142 37.62 4.15 2.57
N SER B 143 37.45 5.26 3.29
CA SER B 143 36.12 5.80 3.43
C SER B 143 36.14 7.30 3.49
N TYR B 144 37.32 7.86 3.27
CA TYR B 144 37.47 9.31 3.20
C TYR B 144 38.17 9.76 1.95
N PRO B 145 37.49 10.61 1.14
CA PRO B 145 36.12 11.09 1.37
C PRO B 145 35.13 10.03 0.91
N PRO B 146 33.87 10.11 1.37
CA PRO B 146 32.93 9.00 1.13
C PRO B 146 32.86 8.51 -0.33
N SER B 147 33.01 9.43 -1.29
CA SER B 147 33.00 9.06 -2.71
C SER B 147 34.14 8.14 -3.08
N ALA B 148 35.21 8.18 -2.30
CA ALA B 148 36.36 7.32 -2.51
C ALA B 148 36.21 5.95 -1.84
N GLY B 149 35.04 5.71 -1.23
CA GLY B 149 34.78 4.48 -0.53
C GLY B 149 35.06 3.22 -1.33
N ALA B 150 35.85 2.33 -0.75
CA ALA B 150 36.26 1.11 -1.44
C ALA B 150 36.51 -0.03 -0.46
N PHE B 151 36.15 -1.24 -0.85
CA PHE B 151 36.38 -2.40 -0.02
C PHE B 151 37.88 -2.71 -0.03
N ARG B 152 38.40 -3.27 1.06
CA ARG B 152 39.80 -3.73 1.10
C ARG B 152 40.01 -4.74 -0.03
N ASP B 153 41.08 -4.62 -0.81
CA ASP B 153 41.32 -5.60 -1.88
C ASP B 153 41.30 -7.06 -1.39
N ASP B 154 41.88 -7.32 -0.22
CA ASP B 154 41.95 -8.70 0.30
C ASP B 154 40.62 -9.32 0.77
N VAL B 155 39.50 -8.61 0.58
CA VAL B 155 38.20 -9.23 0.86
C VAL B 155 37.29 -9.32 -0.38
N ARG B 156 37.75 -8.83 -1.51
CA ARG B 156 36.96 -8.88 -2.72
C ARG B 156 36.56 -10.32 -3.15
N SER B 157 37.44 -11.31 -3.00
CA SER B 157 37.07 -12.67 -3.41
C SER B 157 35.92 -13.18 -2.57
N TYR B 158 35.90 -12.76 -1.32
CA TYR B 158 34.84 -13.09 -0.40
C TYR B 158 33.60 -12.27 -0.77
N LEU B 159 33.71 -10.95 -0.77
CA LEU B 159 32.55 -10.08 -0.98
C LEU B 159 31.89 -10.14 -2.37
N ASN B 160 32.70 -10.23 -3.41
CA ASN B 160 32.17 -10.16 -4.77
C ASN B 160 31.04 -11.16 -5.01
N PRO B 161 31.25 -12.47 -4.78
CA PRO B 161 30.11 -13.30 -5.12
C PRO B 161 28.91 -13.15 -4.18
N ILE B 162 29.13 -12.64 -2.97
CA ILE B 162 28.04 -12.43 -2.02
C ILE B 162 27.16 -11.25 -2.46
N ILE B 163 27.81 -10.14 -2.82
CA ILE B 163 27.16 -9.02 -3.49
C ILE B 163 26.34 -9.51 -4.68
N ARG B 164 27.00 -10.27 -5.58
CA ARG B 164 26.36 -10.85 -6.75
C ARG B 164 25.15 -11.70 -6.35
N PHE B 165 25.34 -12.64 -5.44
CA PHE B 165 24.23 -13.41 -4.88
C PHE B 165 23.02 -12.57 -4.39
N LEU B 166 23.31 -11.54 -3.59
CA LEU B 166 22.28 -10.67 -3.04
C LEU B 166 21.51 -9.99 -4.16
N SER B 167 22.22 -9.59 -5.22
CA SER B 167 21.55 -8.94 -6.35
C SER B 167 20.58 -9.89 -7.00
N SER B 168 20.92 -11.17 -7.11
CA SER B 168 20.06 -12.06 -7.88
C SER B 168 18.79 -12.36 -7.11
N ILE B 169 18.82 -12.29 -5.78
CA ILE B 169 17.61 -12.56 -5.01
C ILE B 169 16.96 -11.29 -4.48
N ARG B 170 17.53 -10.14 -4.84
CA ARG B 170 17.02 -8.85 -4.37
C ARG B 170 16.98 -8.70 -2.84
N SER B 171 18.09 -9.05 -2.20
CA SER B 171 18.30 -8.83 -0.78
C SER B 171 19.14 -7.60 -0.53
N PRO B 172 18.91 -6.90 0.56
CA PRO B 172 19.83 -5.84 0.94
C PRO B 172 21.08 -6.41 1.57
N LEU B 173 22.07 -5.56 1.82
CA LEU B 173 23.21 -5.93 2.61
C LEU B 173 22.94 -5.40 4.04
N LEU B 174 23.21 -6.22 5.04
CA LEU B 174 23.07 -5.74 6.40
C LEU B 174 24.42 -5.21 6.90
N ALA B 175 24.43 -4.04 7.54
CA ALA B 175 25.67 -3.46 8.04
C ALA B 175 25.55 -2.97 9.47
N ASN B 176 26.47 -3.37 10.34
CA ASN B 176 26.60 -2.76 11.67
C ASN B 176 27.45 -1.52 11.53
N ILE B 177 26.96 -0.39 12.01
CA ILE B 177 27.60 0.91 11.76
C ILE B 177 27.59 1.74 13.02
N TYR B 178 28.77 2.06 13.53
CA TYR B 178 28.89 2.77 14.79
C TYR B 178 29.79 3.96 14.67
N PRO B 179 29.23 5.13 14.34
CA PRO B 179 30.09 6.30 14.45
C PRO B 179 30.80 6.42 15.82
N TYR B 180 30.22 5.92 16.91
CA TYR B 180 30.90 5.94 18.22
C TYR B 180 32.34 5.39 18.24
N PHE B 181 32.56 4.20 17.69
CA PHE B 181 33.86 3.56 17.78
C PHE B 181 34.89 4.30 16.94
N THR B 182 34.44 4.84 15.79
CA THR B 182 35.27 5.66 14.91
C THR B 182 35.76 6.87 15.67
N TYR B 183 34.82 7.62 16.26
CA TYR B 183 35.12 8.80 17.03
C TYR B 183 36.04 8.50 18.20
N ALA B 184 35.68 7.49 18.98
CA ALA B 184 36.42 7.14 20.20
C ALA B 184 37.87 6.80 19.90
N GLY B 185 38.09 6.22 18.73
CA GLY B 185 39.43 5.91 18.28
C GLY B 185 40.22 7.11 17.79
N ASN B 186 39.52 8.13 17.28
CA ASN B 186 40.22 9.29 16.73
C ASN B 186 39.56 10.65 17.00
N PRO B 187 39.45 11.01 18.28
CA PRO B 187 38.75 12.24 18.67
C PRO B 187 39.54 13.48 18.26
N ARG B 188 40.82 13.27 17.97
CA ARG B 188 41.70 14.30 17.42
C ARG B 188 41.30 14.86 16.04
N ASP B 189 40.93 13.98 15.11
CA ASP B 189 40.55 14.34 13.74
C ASP B 189 39.04 14.38 13.51
N ILE B 190 38.30 13.67 14.36
CA ILE B 190 36.83 13.64 14.30
C ILE B 190 36.21 14.42 15.46
N SER B 191 35.37 15.39 15.15
CA SER B 191 34.74 16.19 16.21
C SER B 191 33.48 15.53 16.74
N LEU B 192 33.22 15.73 18.03
CA LEU B 192 32.07 15.11 18.68
C LEU B 192 30.75 15.51 18.02
N PRO B 193 30.54 16.81 17.73
CA PRO B 193 29.26 17.12 17.07
C PRO B 193 29.06 16.36 15.76
N TYR B 194 30.13 16.14 15.02
CA TYR B 194 30.08 15.43 13.74
C TYR B 194 29.53 14.02 13.98
N ALA B 195 30.01 13.40 15.03
CA ALA B 195 29.58 12.05 15.37
C ALA B 195 28.17 12.03 15.94
N LEU B 196 27.70 13.16 16.43
CA LEU B 196 26.42 13.18 17.15
C LEU B 196 25.24 13.76 16.39
N PHE B 197 25.44 14.10 15.12
CA PHE B 197 24.42 14.79 14.31
C PHE B 197 24.07 16.18 14.82
N THR B 198 24.99 16.89 15.45
CA THR B 198 24.66 18.20 16.01
C THR B 198 25.39 19.32 15.33
N SER B 199 25.96 19.04 14.17
CA SER B 199 26.73 20.05 13.47
C SER B 199 25.81 20.86 12.59
N PRO B 200 25.75 22.19 12.84
CA PRO B 200 24.89 23.11 12.09
C PRO B 200 25.36 23.32 10.64
N SER B 201 26.66 23.43 10.43
CA SER B 201 27.25 23.57 9.09
C SER B 201 27.83 22.27 8.52
N VAL B 202 28.02 22.22 7.21
CA VAL B 202 28.68 21.08 6.61
C VAL B 202 30.13 20.98 7.13
N VAL B 203 30.62 19.74 7.35
CA VAL B 203 31.95 19.51 7.93
C VAL B 203 32.90 18.96 6.90
N VAL B 204 32.37 18.21 5.93
CA VAL B 204 33.19 17.62 4.88
C VAL B 204 32.57 17.89 3.51
N TRP B 205 33.37 18.49 2.62
CA TRP B 205 32.97 18.69 1.24
C TRP B 205 33.58 17.62 0.36
N ASP B 206 32.70 16.97 -0.38
CA ASP B 206 33.01 15.86 -1.27
C ASP B 206 32.39 16.25 -2.57
N GLY B 207 33.13 16.99 -3.37
CA GLY B 207 32.55 17.64 -4.51
C GLY B 207 31.30 18.45 -4.14
N GLN B 208 30.16 18.04 -4.70
CA GLN B 208 28.91 18.77 -4.52
C GLN B 208 28.09 18.25 -3.34
N ARG B 209 28.65 17.28 -2.61
CA ARG B 209 27.98 16.62 -1.48
C ARG B 209 28.55 17.15 -0.16
N GLY B 210 27.68 17.69 0.69
CA GLY B 210 28.11 18.19 1.97
C GLY B 210 27.75 17.22 3.09
N TYR B 211 28.76 16.82 3.85
CA TYR B 211 28.50 15.88 4.94
C TYR B 211 28.46 16.58 6.30
N LYS B 212 27.31 16.50 6.96
CA LYS B 212 27.11 17.14 8.27
C LYS B 212 27.41 16.19 9.42
N ASN B 213 27.24 14.88 9.19
CA ASN B 213 27.50 13.88 10.23
C ASN B 213 28.25 12.63 9.73
N LEU B 214 28.94 11.98 10.66
CA LEU B 214 29.82 10.84 10.45
C LEU B 214 29.07 9.63 9.92
N PHE B 215 27.80 9.52 10.29
CA PHE B 215 26.98 8.37 9.93
C PHE B 215 26.74 8.43 8.42
N ASP B 216 26.37 9.59 7.93
CA ASP B 216 26.12 9.79 6.51
C ASP B 216 27.41 9.55 5.72
N ALA B 217 28.49 10.12 6.23
CA ALA B 217 29.81 9.93 5.66
C ALA B 217 30.13 8.45 5.56
N THR B 218 29.84 7.71 6.62
CA THR B 218 30.20 6.29 6.75
C THR B 218 29.34 5.39 5.89
N LEU B 219 28.05 5.65 5.88
CA LEU B 219 27.12 4.89 5.07
C LEU B 219 27.44 5.08 3.58
N ASP B 220 27.62 6.34 3.19
CA ASP B 220 27.89 6.70 1.80
C ASP B 220 29.21 6.17 1.31
N ALA B 221 30.19 6.08 2.19
CA ALA B 221 31.41 5.41 1.84
C ALA B 221 31.13 3.96 1.50
N LEU B 222 30.23 3.32 2.24
CA LEU B 222 29.86 1.93 1.98
C LEU B 222 29.19 1.81 0.60
N TYR B 223 28.24 2.71 0.32
CA TYR B 223 27.54 2.70 -0.94
C TYR B 223 28.51 2.79 -2.12
N SER B 224 29.51 3.66 -1.98
CA SER B 224 30.52 3.88 -3.02
C SER B 224 31.34 2.63 -3.23
N ALA B 225 31.60 1.92 -2.14
CA ALA B 225 32.38 0.70 -2.20
C ALA B 225 31.61 -0.42 -2.90
N LEU B 226 30.31 -0.49 -2.63
CA LEU B 226 29.41 -1.44 -3.29
C LEU B 226 29.39 -1.14 -4.79
N GLU B 227 29.33 0.13 -5.13
CA GLU B 227 29.32 0.57 -6.51
C GLU B 227 30.56 0.12 -7.27
N ARG B 228 31.73 0.22 -6.63
CA ARG B 228 32.96 -0.31 -7.21
C ARG B 228 33.02 -1.84 -7.29
N ALA B 229 32.11 -2.51 -6.61
CA ALA B 229 32.13 -3.96 -6.61
C ALA B 229 30.87 -4.52 -7.21
N SER B 230 30.29 -3.75 -8.13
CA SER B 230 29.11 -4.19 -8.90
C SER B 230 27.90 -4.47 -8.02
N GLY B 231 27.75 -3.74 -6.93
CA GLY B 231 26.55 -3.86 -6.11
C GLY B 231 25.85 -2.55 -5.92
N GLY B 232 25.96 -1.70 -6.93
CA GLY B 232 25.40 -0.37 -6.97
C GLY B 232 23.88 -0.26 -6.87
N SER B 233 23.16 -1.35 -7.04
CA SER B 233 21.73 -1.25 -6.82
C SER B 233 21.28 -1.85 -5.49
N LEU B 234 22.23 -2.26 -4.66
CA LEU B 234 21.84 -2.85 -3.37
C LEU B 234 21.40 -1.79 -2.36
N GLU B 235 20.30 -2.06 -1.69
CA GLU B 235 19.91 -1.27 -0.53
C GLU B 235 20.78 -1.66 0.67
N VAL B 236 21.11 -0.74 1.56
CA VAL B 236 21.73 -1.13 2.83
C VAL B 236 20.75 -0.97 4.01
N VAL B 237 20.53 -2.07 4.73
CA VAL B 237 19.87 -2.04 6.01
C VAL B 237 20.90 -1.87 7.12
N VAL B 238 20.76 -0.82 7.94
CA VAL B 238 21.68 -0.64 9.05
C VAL B 238 21.28 -1.57 10.20
N SER B 239 21.97 -2.69 10.34
CA SER B 239 21.49 -3.76 11.24
C SER B 239 21.96 -3.63 12.69
N GLU B 240 22.85 -2.68 12.96
CA GLU B 240 23.17 -2.20 14.31
C GLU B 240 23.62 -0.75 14.27
N SER B 241 23.23 0.00 15.28
CA SER B 241 23.84 1.28 15.56
C SER B 241 23.46 1.71 16.97
N GLY B 242 24.42 2.20 17.72
CA GLY B 242 24.17 2.54 19.10
C GLY B 242 25.30 3.36 19.67
N TRP B 243 25.09 3.91 20.87
CA TRP B 243 26.13 4.68 21.52
C TRP B 243 26.07 4.26 22.99
N PRO B 244 27.22 3.88 23.57
CA PRO B 244 27.26 3.33 24.94
C PRO B 244 27.16 4.44 26.03
N SER B 245 26.43 4.19 27.12
CA SER B 245 26.28 5.23 28.15
C SER B 245 27.45 5.33 29.11
N ALA B 246 28.28 4.30 29.17
CA ALA B 246 29.43 4.33 30.06
C ALA B 246 30.44 3.29 29.64
N GLY B 247 31.60 3.34 30.28
CA GLY B 247 32.54 2.25 30.21
C GLY B 247 33.79 2.55 29.48
N ALA B 248 33.86 3.76 28.91
CA ALA B 248 35.01 4.16 28.10
C ALA B 248 34.86 5.59 27.64
N PHE B 249 35.95 6.10 27.06
CA PHE B 249 36.01 7.45 26.53
C PHE B 249 34.82 7.78 25.65
N ALA B 250 34.16 8.88 25.98
CA ALA B 250 33.03 9.39 25.23
C ALA B 250 31.80 8.48 25.34
N ALA B 251 31.88 7.45 26.18
CA ALA B 251 30.66 6.68 26.49
C ALA B 251 29.91 7.35 27.64
N THR B 252 28.95 8.19 27.31
CA THR B 252 28.27 8.95 28.33
C THR B 252 26.78 9.04 28.09
N PHE B 253 26.04 9.24 29.17
CA PHE B 253 24.61 9.43 29.14
C PHE B 253 24.18 10.51 28.16
N ASP B 254 24.85 11.66 28.18
CA ASP B 254 24.48 12.77 27.33
C ASP B 254 24.77 12.47 25.86
N ASN B 255 25.99 11.98 25.59
CA ASN B 255 26.33 11.53 24.25
C ASN B 255 25.35 10.46 23.78
N GLY B 256 25.11 9.47 24.62
CA GLY B 256 24.11 8.47 24.29
C GLY B 256 22.74 8.99 23.88
N ARG B 257 22.18 9.90 24.68
CA ARG B 257 20.84 10.44 24.43
C ARG B 257 20.78 11.24 23.14
N THR B 258 21.80 12.08 22.92
CA THR B 258 21.85 12.84 21.70
C THR B 258 21.91 11.93 20.47
N TYR B 259 22.94 11.09 20.39
CA TYR B 259 23.13 10.25 19.20
C TYR B 259 21.85 9.51 18.81
N LEU B 260 21.27 8.81 19.76
CA LEU B 260 20.12 7.97 19.48
C LEU B 260 18.85 8.76 19.13
N SER B 261 18.64 9.90 19.77
CA SER B 261 17.45 10.69 19.44
C SER B 261 17.64 11.28 18.04
N ASN B 262 18.81 11.84 17.78
CA ASN B 262 19.10 12.34 16.44
C ASN B 262 19.11 11.23 15.37
N LEU B 263 19.60 10.04 15.69
CA LEU B 263 19.60 8.95 14.71
C LEU B 263 18.18 8.61 14.28
N ILE B 264 17.32 8.43 15.28
CA ILE B 264 15.92 8.08 15.03
C ILE B 264 15.27 9.09 14.09
N GLN B 265 15.62 10.36 14.25
CA GLN B 265 15.09 11.41 13.39
C GLN B 265 15.74 11.41 12.03
N HIS B 266 17.05 11.28 12.00
CA HIS B 266 17.81 11.25 10.75
C HIS B 266 17.33 10.20 9.73
N VAL B 267 17.10 8.97 10.17
CA VAL B 267 16.87 7.85 9.25
C VAL B 267 15.47 7.81 8.65
N LYS B 268 14.68 8.84 8.89
CA LYS B 268 13.39 8.98 8.20
C LYS B 268 13.62 9.36 6.74
N ARG B 269 14.80 9.91 6.49
CA ARG B 269 15.29 10.25 5.16
C ARG B 269 16.68 9.62 4.95
N GLY B 270 17.32 9.95 3.84
CA GLY B 270 18.55 9.30 3.44
C GLY B 270 19.83 10.12 3.59
N THR B 271 20.81 9.79 2.76
CA THR B 271 22.14 10.34 2.88
C THR B 271 22.33 11.30 1.70
N PRO B 272 23.40 12.11 1.71
CA PRO B 272 23.64 12.94 0.52
C PRO B 272 23.76 12.19 -0.83
N LYS B 273 24.01 10.87 -0.82
CA LYS B 273 24.13 10.09 -2.04
C LYS B 273 22.80 9.47 -2.42
N ARG B 274 21.98 9.24 -1.41
CA ARG B 274 20.66 8.68 -1.58
C ARG B 274 19.74 9.41 -0.61
N PRO B 275 19.29 10.62 -0.98
CA PRO B 275 18.63 11.55 -0.06
C PRO B 275 17.17 11.24 0.21
N LYS B 276 16.49 10.62 -0.74
CA LYS B 276 15.06 10.44 -0.60
C LYS B 276 14.67 9.38 0.44
N ARG B 277 15.11 8.15 0.21
CA ARG B 277 14.52 7.01 0.90
C ARG B 277 14.94 6.90 2.39
N ALA B 278 14.00 6.58 3.28
CA ALA B 278 14.34 6.32 4.69
C ALA B 278 15.35 5.18 4.84
N ILE B 279 16.23 5.29 5.82
CA ILE B 279 17.20 4.24 6.07
C ILE B 279 16.72 3.32 7.19
N GLU B 280 16.38 2.08 6.83
CA GLU B 280 16.00 1.08 7.80
C GLU B 280 17.15 0.80 8.78
N THR B 281 16.89 1.00 10.07
CA THR B 281 17.90 1.01 11.12
C THR B 281 17.48 0.24 12.37
N TYR B 282 18.38 -0.61 12.87
CA TYR B 282 18.14 -1.32 14.14
C TYR B 282 19.08 -0.80 15.21
N LEU B 283 18.49 -0.14 16.21
CA LEU B 283 19.24 0.42 17.32
C LEU B 283 19.84 -0.68 18.18
N PHE B 284 21.11 -0.53 18.56
CA PHE B 284 21.76 -1.48 19.45
C PHE B 284 22.06 -0.89 20.84
N ALA B 285 21.45 -1.39 21.92
CA ALA B 285 20.54 -2.53 21.95
C ALA B 285 19.56 -2.31 23.11
N MET B 286 18.58 -3.20 23.27
CA MET B 286 17.48 -2.95 24.20
C MET B 286 17.89 -2.79 25.67
N PHE B 287 18.72 -3.72 26.12
CA PHE B 287 19.22 -3.76 27.47
C PHE B 287 20.74 -3.75 27.50
N ASP B 288 21.26 -3.13 28.55
CA ASP B 288 22.65 -3.30 28.92
C ASP B 288 22.86 -4.80 29.05
N GLU B 289 24.08 -5.29 28.87
CA GLU B 289 24.32 -6.73 28.94
C GLU B 289 25.56 -6.99 29.80
N ASN B 290 25.35 -7.07 31.11
CA ASN B 290 26.47 -7.11 32.07
C ASN B 290 27.46 -8.30 32.00
N LYS B 291 27.19 -9.31 31.17
CA LYS B 291 28.11 -10.43 31.08
C LYS B 291 29.12 -10.27 29.96
N LYS B 292 28.95 -9.24 29.14
CA LYS B 292 29.82 -9.03 27.99
C LYS B 292 31.15 -8.37 28.37
N GLN B 293 32.15 -8.59 27.54
CA GLN B 293 33.45 -8.01 27.72
C GLN B 293 33.86 -7.32 26.43
N PRO B 294 34.54 -6.17 26.52
CA PRO B 294 34.98 -5.44 27.72
C PRO B 294 33.90 -4.55 28.32
N GLU B 295 34.30 -3.61 29.18
CA GLU B 295 33.38 -2.82 29.98
C GLU B 295 32.35 -2.07 29.16
N VAL B 296 32.78 -1.56 28.01
CA VAL B 296 31.91 -0.66 27.26
C VAL B 296 30.76 -1.44 26.64
N GLU B 297 30.98 -2.74 26.45
CA GLU B 297 29.97 -3.56 25.83
C GLU B 297 28.81 -3.89 26.79
N LYS B 298 28.85 -3.33 28.01
CA LYS B 298 27.75 -3.50 28.95
C LYS B 298 26.85 -2.29 29.04
N HIS B 299 27.01 -1.31 28.17
CA HIS B 299 26.25 -0.08 28.32
C HIS B 299 25.54 0.44 27.08
N PHE B 300 25.21 -0.46 26.16
CA PHE B 300 24.52 -0.07 24.93
C PHE B 300 23.00 -0.11 25.13
N GLY B 301 22.56 -0.50 26.30
CA GLY B 301 21.14 -0.58 26.60
C GLY B 301 20.39 0.70 26.33
N LEU B 302 19.16 0.55 25.88
CA LEU B 302 18.26 1.67 25.67
C LEU B 302 17.40 1.76 26.90
N PHE B 303 17.29 0.61 27.55
CA PHE B 303 16.48 0.43 28.74
C PHE B 303 17.36 -0.05 29.87
N PHE B 304 17.03 0.37 31.09
CA PHE B 304 17.59 -0.21 32.30
C PHE B 304 16.91 -1.57 32.50
N PRO B 305 17.42 -2.39 33.43
CA PRO B 305 16.74 -3.68 33.58
C PRO B 305 15.39 -3.55 34.26
N ASN B 306 15.15 -2.44 34.95
CA ASN B 306 13.83 -2.15 35.51
C ASN B 306 12.85 -1.67 34.44
N LYS B 307 13.29 -1.71 33.18
CA LYS B 307 12.48 -1.45 31.99
C LYS B 307 12.16 -0.01 31.76
N TRP B 308 12.83 0.87 32.49
CA TRP B 308 12.71 2.30 32.25
C TRP B 308 13.73 2.75 31.20
N GLN B 309 13.31 3.60 30.27
CA GLN B 309 14.18 4.07 29.22
C GLN B 309 15.27 4.96 29.80
N LYS B 310 16.49 4.79 29.31
CA LYS B 310 17.58 5.68 29.66
C LYS B 310 17.31 7.08 29.15
N TYR B 311 16.78 7.14 27.92
CA TYR B 311 16.84 8.38 27.17
C TYR B 311 15.50 8.97 26.76
N ASN B 312 14.40 8.24 27.01
CA ASN B 312 13.08 8.81 26.69
C ASN B 312 12.96 9.06 25.19
N LEU B 313 12.96 7.96 24.44
CA LEU B 313 12.97 8.07 23.00
C LEU B 313 11.57 7.79 22.58
N ASN B 314 11.15 8.52 21.56
CA ASN B 314 9.94 8.18 20.85
C ASN B 314 10.31 7.23 19.71
N PHE B 315 9.74 6.03 19.67
CA PHE B 315 10.03 5.11 18.55
C PHE B 315 9.01 5.22 17.41
N SER B 316 7.90 5.91 17.65
CA SER B 316 6.95 6.17 16.58
C SER B 316 7.41 7.37 15.75
N VAL C 2 -21.04 3.68 36.70
CA VAL C 2 -20.24 4.66 36.00
C VAL C 2 -19.45 4.03 34.85
N GLY C 3 -19.17 4.81 33.82
CA GLY C 3 -18.34 4.32 32.75
C GLY C 3 -17.00 5.03 32.75
N VAL C 4 -16.07 4.56 31.93
CA VAL C 4 -14.78 5.22 31.82
C VAL C 4 -14.36 5.29 30.36
N CYS C 5 -13.90 6.47 29.94
CA CYS C 5 -13.41 6.60 28.58
C CYS C 5 -12.04 6.00 28.45
N TYR C 6 -11.91 5.17 27.42
CA TYR C 6 -10.65 4.49 27.12
C TYR C 6 -10.00 5.19 25.92
N GLY C 7 -9.15 6.18 26.21
CA GLY C 7 -8.34 6.83 25.18
C GLY C 7 -7.02 6.11 25.03
N MET C 8 -6.53 5.96 23.80
CA MET C 8 -5.31 5.16 23.60
C MET C 8 -4.13 5.98 23.17
N GLN C 9 -4.23 7.29 23.28
CA GLN C 9 -3.14 8.13 22.79
C GLN C 9 -2.00 8.30 23.79
N GLY C 10 -1.46 7.15 24.22
CA GLY C 10 -0.25 7.13 25.03
C GLY C 10 0.71 6.07 24.45
N ASN C 11 2.00 6.25 24.74
CA ASN C 11 3.06 5.36 24.26
C ASN C 11 3.36 4.32 25.33
N ASN C 12 2.65 4.36 26.45
CA ASN C 12 3.04 3.53 27.58
C ASN C 12 1.87 2.76 28.21
N LEU C 13 0.84 2.50 27.42
CA LEU C 13 -0.36 1.88 27.94
C LEU C 13 -0.32 0.35 27.93
N PRO C 14 -1.04 -0.30 28.87
CA PRO C 14 -1.13 -1.78 28.89
C PRO C 14 -1.76 -2.29 27.60
N PRO C 15 -1.51 -3.57 27.23
CA PRO C 15 -2.16 -4.16 26.06
C PRO C 15 -3.68 -4.08 26.16
N VAL C 16 -4.36 -3.95 25.03
CA VAL C 16 -5.81 -3.92 25.03
C VAL C 16 -6.41 -4.98 25.93
N SER C 17 -5.90 -6.20 25.80
CA SER C 17 -6.48 -7.34 26.51
C SER C 17 -6.46 -7.14 28.02
N GLU C 18 -5.38 -6.56 28.53
CA GLU C 18 -5.24 -6.30 29.98
C GLU C 18 -6.19 -5.20 30.47
N VAL C 19 -6.39 -4.21 29.60
CA VAL C 19 -7.26 -3.11 29.91
C VAL C 19 -8.68 -3.60 30.13
N ILE C 20 -9.14 -4.53 29.28
CA ILE C 20 -10.46 -5.17 29.47
C ILE C 20 -10.54 -5.91 30.83
N ALA C 21 -9.57 -6.79 31.11
CA ALA C 21 -9.47 -7.43 32.43
C ALA C 21 -9.55 -6.40 33.57
N LEU C 22 -8.79 -5.33 33.43
CA LEU C 22 -8.73 -4.26 34.42
C LEU C 22 -10.05 -3.54 34.61
N TYR C 23 -10.87 -3.49 33.55
CA TYR C 23 -12.19 -2.90 33.69
C TYR C 23 -13.08 -3.83 34.55
N LYS C 24 -13.11 -5.11 34.16
CA LYS C 24 -13.87 -6.14 34.87
C LYS C 24 -13.37 -6.19 36.32
N LYS C 25 -12.05 -6.22 36.48
CA LYS C 25 -11.46 -6.24 37.83
C LYS C 25 -11.96 -5.10 38.70
N SER C 26 -11.98 -3.90 38.13
CA SER C 26 -12.37 -2.70 38.86
C SER C 26 -13.88 -2.54 38.90
N ASN C 27 -14.59 -3.50 38.31
CA ASN C 27 -16.06 -3.45 38.22
C ASN C 27 -16.56 -2.22 37.46
N ILE C 28 -15.81 -1.80 36.43
CA ILE C 28 -16.27 -0.76 35.52
C ILE C 28 -17.09 -1.41 34.41
N THR C 29 -18.40 -1.18 34.41
CA THR C 29 -19.29 -1.87 33.48
C THR C 29 -19.64 -1.09 32.24
N ARG C 30 -19.00 0.07 32.05
CA ARG C 30 -19.20 0.91 30.87
C ARG C 30 -17.92 1.53 30.32
N MET C 31 -17.74 1.44 29.02
CA MET C 31 -16.54 1.95 28.37
C MET C 31 -16.92 2.82 27.18
N ARG C 32 -16.16 3.88 26.93
CA ARG C 32 -16.29 4.66 25.69
C ARG C 32 -14.97 4.58 24.91
N ILE C 33 -15.01 4.16 23.63
CA ILE C 33 -13.85 4.29 22.75
C ILE C 33 -14.16 5.32 21.65
N TYR C 34 -13.14 5.88 21.00
CA TYR C 34 -13.36 6.98 20.07
C TYR C 34 -13.25 6.58 18.58
N ASP C 35 -12.85 5.34 18.32
CA ASP C 35 -12.85 4.80 16.97
C ASP C 35 -13.15 3.31 17.06
N PRO C 36 -13.51 2.69 15.94
CA PRO C 36 -13.78 1.24 16.05
C PRO C 36 -12.47 0.42 15.95
N ASN C 37 -11.59 0.52 16.95
CA ASN C 37 -10.35 -0.27 16.96
C ASN C 37 -10.73 -1.76 17.02
N GLN C 38 -10.32 -2.54 16.01
CA GLN C 38 -10.76 -3.95 15.92
C GLN C 38 -10.30 -4.77 17.12
N ALA C 39 -9.04 -4.58 17.51
CA ALA C 39 -8.49 -5.34 18.64
C ALA C 39 -9.34 -5.11 19.87
N VAL C 40 -9.68 -3.85 20.14
CA VAL C 40 -10.52 -3.50 21.27
C VAL C 40 -11.91 -4.13 21.15
N LEU C 41 -12.47 -4.08 19.95
CA LEU C 41 -13.79 -4.67 19.72
C LEU C 41 -13.79 -6.18 19.98
N GLU C 42 -12.77 -6.85 19.43
CA GLU C 42 -12.55 -8.27 19.65
C GLU C 42 -12.24 -8.63 21.08
N ALA C 43 -11.62 -7.71 21.82
CA ALA C 43 -11.21 -8.04 23.17
C ALA C 43 -12.39 -7.93 24.11
N LEU C 44 -13.47 -7.29 23.66
CA LEU C 44 -14.64 -7.09 24.51
C LEU C 44 -15.68 -8.24 24.41
N ARG C 45 -15.35 -9.28 23.67
CA ARG C 45 -16.34 -10.33 23.39
C ARG C 45 -16.70 -11.13 24.64
N GLY C 46 -17.99 -11.11 24.97
CA GLY C 46 -18.53 -11.76 26.16
C GLY C 46 -18.21 -11.04 27.45
N SER C 47 -17.61 -9.84 27.35
CA SER C 47 -17.21 -9.13 28.56
C SER C 47 -18.41 -8.55 29.33
N ASN C 48 -19.54 -8.39 28.65
CA ASN C 48 -20.73 -7.70 29.19
C ASN C 48 -20.53 -6.22 29.54
N ILE C 49 -19.44 -5.65 29.02
CA ILE C 49 -19.15 -4.21 29.19
C ILE C 49 -19.96 -3.40 28.18
N GLU C 50 -20.86 -2.55 28.65
CA GLU C 50 -21.65 -1.73 27.73
C GLU C 50 -20.71 -0.75 27.00
N LEU C 51 -20.85 -0.60 25.68
CA LEU C 51 -19.91 0.19 24.87
C LEU C 51 -20.52 1.41 24.18
N ILE C 52 -19.87 2.56 24.31
CA ILE C 52 -20.10 3.69 23.43
C ILE C 52 -19.06 3.57 22.35
N LEU C 53 -19.50 3.27 21.13
CA LEU C 53 -18.60 3.15 20.00
C LEU C 53 -18.55 4.45 19.22
N GLY C 54 -17.37 5.04 19.06
CA GLY C 54 -17.29 6.32 18.40
C GLY C 54 -16.99 6.30 16.92
N VAL C 55 -17.68 7.16 16.18
CA VAL C 55 -17.25 7.45 14.82
C VAL C 55 -16.33 8.67 14.85
N PRO C 56 -15.12 8.52 14.36
CA PRO C 56 -14.16 9.61 14.40
C PRO C 56 -14.50 10.72 13.43
N ASN C 57 -14.20 11.96 13.79
CA ASN C 57 -14.54 13.10 12.97
C ASN C 57 -14.02 12.99 11.53
N SER C 58 -12.83 12.39 11.38
CA SER C 58 -12.21 12.23 10.05
C SER C 58 -12.98 11.31 9.10
N ASP C 59 -13.87 10.48 9.64
CA ASP C 59 -14.67 9.57 8.82
C ASP C 59 -16.09 10.09 8.54
N LEU C 60 -16.50 11.22 9.14
CA LEU C 60 -17.87 11.70 8.92
C LEU C 60 -18.27 11.89 7.46
N GLN C 61 -17.37 12.44 6.66
CA GLN C 61 -17.64 12.74 5.26
C GLN C 61 -17.89 11.43 4.57
N SER C 62 -16.94 10.53 4.71
CA SER C 62 -17.13 9.22 4.13
C SER C 62 -18.48 8.61 4.45
N LEU C 63 -18.99 8.81 5.68
CA LEU C 63 -20.22 8.12 6.14
C LEU C 63 -21.50 8.85 5.73
N THR C 64 -21.38 9.99 5.09
CA THR C 64 -22.56 10.65 4.55
C THR C 64 -22.98 9.95 3.27
N ASN C 65 -22.13 9.04 2.79
CA ASN C 65 -22.46 8.10 1.71
C ASN C 65 -23.07 6.83 2.33
N PRO C 66 -24.28 6.45 1.90
CA PRO C 66 -25.04 5.31 2.45
C PRO C 66 -24.30 3.97 2.37
N SER C 67 -23.66 3.70 1.23
CA SER C 67 -22.95 2.45 1.01
C SER C 67 -21.77 2.34 1.97
N ASN C 68 -21.14 3.48 2.22
CA ASN C 68 -20.06 3.59 3.18
C ASN C 68 -20.49 3.30 4.63
N ALA C 69 -21.65 3.79 5.00
CA ALA C 69 -22.20 3.55 6.32
C ALA C 69 -22.55 2.08 6.46
N LYS C 70 -23.12 1.48 5.40
CA LYS C 70 -23.52 0.08 5.48
C LYS C 70 -22.39 -0.85 5.85
N SER C 71 -21.29 -0.75 5.13
CA SER C 71 -20.10 -1.57 5.39
C SER C 71 -19.42 -1.29 6.73
N TRP C 72 -19.54 -0.05 7.19
CA TRP C 72 -19.00 0.30 8.48
C TRP C 72 -19.80 -0.38 9.59
N VAL C 73 -21.12 -0.25 9.52
CA VAL C 73 -21.99 -0.94 10.46
C VAL C 73 -21.80 -2.47 10.40
N GLN C 74 -21.61 -2.99 9.20
CA GLN C 74 -21.39 -4.42 9.01
C GLN C 74 -20.09 -4.90 9.69
N LYS C 75 -19.00 -4.19 9.37
CA LYS C 75 -17.64 -4.51 9.81
C LYS C 75 -17.42 -4.31 11.31
N ASN C 76 -17.93 -3.20 11.82
CA ASN C 76 -17.61 -2.78 13.20
C ASN C 76 -18.69 -3.12 14.22
N VAL C 77 -19.88 -3.44 13.76
CA VAL C 77 -20.97 -3.77 14.66
C VAL C 77 -21.45 -5.23 14.47
N ARG C 78 -21.95 -5.56 13.28
CA ARG C 78 -22.51 -6.89 13.05
C ARG C 78 -21.51 -8.01 13.18
N GLY C 79 -20.26 -7.69 12.94
CA GLY C 79 -19.19 -8.68 13.04
C GLY C 79 -18.99 -8.99 14.52
N PHE C 80 -19.69 -8.24 15.39
CA PHE C 80 -19.42 -8.30 16.82
C PHE C 80 -20.66 -8.31 17.73
N TRP C 81 -21.86 -8.11 17.19
CA TRP C 81 -23.04 -7.98 18.06
C TRP C 81 -23.42 -9.14 18.99
N SER C 82 -23.10 -10.35 18.58
CA SER C 82 -23.24 -11.50 19.47
C SER C 82 -22.65 -11.27 20.86
N SER C 83 -21.47 -10.66 20.85
CA SER C 83 -20.62 -10.72 22.01
C SER C 83 -20.16 -9.37 22.51
N VAL C 84 -20.55 -8.30 21.83
CA VAL C 84 -20.10 -7.00 22.30
C VAL C 84 -21.40 -6.25 22.57
N ARG C 85 -21.50 -5.73 23.79
CA ARG C 85 -22.70 -5.06 24.24
C ARG C 85 -22.64 -3.58 23.81
N PHE C 86 -22.82 -3.35 22.52
CA PHE C 86 -22.99 -2.01 22.00
C PHE C 86 -24.15 -1.31 22.68
N ARG C 87 -23.90 -0.10 23.19
CA ARG C 87 -24.94 0.73 23.84
C ARG C 87 -25.25 2.04 23.08
N TYR C 88 -24.26 2.86 22.78
CA TYR C 88 -24.49 4.05 21.95
C TYR C 88 -23.48 4.12 20.80
N ILE C 89 -23.90 4.64 19.65
CA ILE C 89 -22.90 5.01 18.64
C ILE C 89 -22.73 6.53 18.60
N ALA C 90 -21.52 6.99 18.88
CA ALA C 90 -21.20 8.42 18.96
C ALA C 90 -20.70 8.97 17.65
N VAL C 91 -21.59 9.48 16.83
CA VAL C 91 -21.21 9.95 15.51
C VAL C 91 -20.63 11.36 15.48
N GLY C 92 -19.31 11.47 15.59
CA GLY C 92 -18.65 12.75 15.68
C GLY C 92 -18.48 13.17 17.13
N ASN C 93 -17.48 14.00 17.41
CA ASN C 93 -17.23 14.38 18.78
C ASN C 93 -16.87 15.86 18.82
N GLU C 94 -17.60 16.63 19.62
CA GLU C 94 -17.36 18.06 19.80
C GLU C 94 -17.38 18.87 18.48
N ILE C 95 -18.29 18.50 17.57
CA ILE C 95 -18.44 19.19 16.30
C ILE C 95 -19.29 20.45 16.54
N SER C 96 -18.81 21.57 16.03
CA SER C 96 -19.52 22.82 16.01
C SER C 96 -19.48 23.51 14.65
N PRO C 97 -20.58 24.13 14.24
CA PRO C 97 -20.57 24.81 12.95
C PRO C 97 -19.89 26.19 12.97
N VAL C 98 -19.38 26.59 14.14
CA VAL C 98 -18.76 27.90 14.25
C VAL C 98 -17.39 27.82 14.90
N ASN C 99 -16.97 26.63 15.33
CA ASN C 99 -15.61 26.53 15.81
C ASN C 99 -14.71 26.17 14.65
N ARG C 100 -13.57 26.85 14.57
CA ARG C 100 -12.64 26.69 13.47
C ARG C 100 -12.21 25.26 13.20
N GLY C 101 -11.99 24.49 14.24
CA GLY C 101 -11.52 23.14 14.06
C GLY C 101 -12.48 22.22 13.36
N THR C 102 -13.78 22.45 13.50
CA THR C 102 -14.79 21.51 13.02
C THR C 102 -15.90 22.08 12.14
N ALA C 103 -15.89 23.39 11.90
CA ALA C 103 -16.95 24.05 11.18
C ALA C 103 -17.26 23.38 9.84
N TRP C 104 -16.23 23.08 9.06
CA TRP C 104 -16.37 22.38 7.78
C TRP C 104 -16.85 20.91 7.90
N LEU C 105 -17.15 20.45 9.12
CA LEU C 105 -17.61 19.06 9.28
C LEU C 105 -19.06 18.97 9.71
N ALA C 106 -19.59 20.07 10.22
CA ALA C 106 -20.94 20.12 10.80
C ALA C 106 -22.00 19.62 9.85
N GLN C 107 -21.90 20.07 8.62
CA GLN C 107 -22.75 19.65 7.51
C GLN C 107 -22.88 18.09 7.45
N PHE C 108 -21.83 17.37 7.82
CA PHE C 108 -21.73 15.92 7.64
C PHE C 108 -22.38 15.12 8.76
N VAL C 109 -22.57 15.74 9.92
CA VAL C 109 -22.89 14.97 11.14
C VAL C 109 -24.24 14.26 11.04
N LEU C 110 -25.31 15.03 10.88
CA LEU C 110 -26.65 14.47 10.72
C LEU C 110 -26.81 13.46 9.54
N PRO C 111 -26.22 13.75 8.38
CA PRO C 111 -26.37 12.73 7.32
C PRO C 111 -25.69 11.43 7.70
N ALA C 112 -24.49 11.51 8.27
CA ALA C 112 -23.80 10.37 8.87
C ALA C 112 -24.60 9.61 9.94
N MET C 113 -25.17 10.33 10.89
CA MET C 113 -26.02 9.75 11.93
C MET C 113 -27.19 8.98 11.37
N ARG C 114 -27.77 9.58 10.35
CA ARG C 114 -28.89 9.00 9.67
C ARG C 114 -28.56 7.72 8.91
N ASN C 115 -27.48 7.76 8.13
CA ASN C 115 -27.09 6.57 7.39
C ASN C 115 -26.76 5.43 8.33
N ILE C 116 -25.99 5.71 9.38
CA ILE C 116 -25.62 4.72 10.39
C ILE C 116 -26.87 4.18 11.05
N HIS C 117 -27.75 5.09 11.44
CA HIS C 117 -28.99 4.64 12.04
C HIS C 117 -29.78 3.78 11.05
N ASP C 118 -29.78 4.12 9.76
CA ASP C 118 -30.53 3.34 8.78
C ASP C 118 -29.99 1.93 8.72
N ALA C 119 -28.67 1.83 8.65
CA ALA C 119 -28.00 0.54 8.63
C ALA C 119 -28.28 -0.23 9.92
N ILE C 120 -28.13 0.42 11.06
CA ILE C 120 -28.49 -0.20 12.35
C ILE C 120 -29.92 -0.74 12.32
N ARG C 121 -30.87 0.01 11.77
CA ARG C 121 -32.27 -0.42 11.77
C ARG C 121 -32.52 -1.62 10.88
N SER C 122 -31.88 -1.63 9.73
CA SER C 122 -31.93 -2.76 8.82
C SER C 122 -31.56 -4.07 9.54
N ALA C 123 -30.67 -4.03 10.53
CA ALA C 123 -30.33 -5.28 11.22
C ALA C 123 -31.31 -5.53 12.37
N GLY C 124 -32.18 -4.54 12.60
CA GLY C 124 -33.16 -4.63 13.65
C GLY C 124 -32.51 -4.49 15.02
N LEU C 125 -31.46 -3.66 15.12
CA LEU C 125 -30.71 -3.52 16.37
C LEU C 125 -30.92 -2.12 16.96
N GLN C 126 -31.98 -1.46 16.49
CA GLN C 126 -32.22 -0.06 16.79
C GLN C 126 -32.74 0.13 18.21
N ASP C 127 -33.24 -0.96 18.80
CA ASP C 127 -33.76 -0.89 20.16
C ASP C 127 -32.72 -1.22 21.22
N GLN C 128 -31.58 -1.71 20.75
CA GLN C 128 -30.44 -2.01 21.60
C GLN C 128 -29.36 -0.94 21.53
N ILE C 129 -29.00 -0.51 20.31
CA ILE C 129 -27.90 0.41 20.02
C ILE C 129 -28.44 1.78 19.56
N LYS C 130 -28.31 2.79 20.42
CA LYS C 130 -28.87 4.12 20.18
C LYS C 130 -27.86 5.03 19.47
N VAL C 131 -28.18 5.49 18.27
CA VAL C 131 -27.26 6.38 17.56
C VAL C 131 -27.36 7.84 18.05
N SER C 132 -26.22 8.46 18.31
CA SER C 132 -26.23 9.83 18.76
C SER C 132 -24.92 10.51 18.37
N THR C 133 -24.72 11.70 18.91
CA THR C 133 -23.48 12.46 18.77
C THR C 133 -23.14 13.16 20.08
N ALA C 134 -21.85 13.39 20.30
CA ALA C 134 -21.32 13.99 21.52
C ALA C 134 -20.92 15.43 21.31
N ILE C 135 -21.58 16.36 22.02
CA ILE C 135 -21.28 17.78 21.89
C ILE C 135 -20.34 18.28 23.03
N ASP C 136 -19.76 19.48 22.86
CA ASP C 136 -19.23 20.23 23.99
C ASP C 136 -20.19 21.39 24.24
N LEU C 137 -19.97 22.14 25.31
CA LEU C 137 -20.90 23.20 25.67
C LEU C 137 -20.52 24.55 25.12
N THR C 138 -19.60 24.58 24.15
CA THR C 138 -19.37 25.82 23.41
C THR C 138 -20.66 26.16 22.64
N LEU C 139 -21.48 25.14 22.36
CA LEU C 139 -22.74 25.35 21.68
C LEU C 139 -23.74 26.08 22.60
N VAL C 140 -23.55 25.93 23.92
CA VAL C 140 -24.39 26.68 24.85
C VAL C 140 -23.82 28.07 24.95
N GLY C 141 -24.63 29.05 24.60
CA GLY C 141 -24.19 30.43 24.59
C GLY C 141 -24.37 31.16 25.91
N ASN C 142 -25.38 30.76 26.69
CA ASN C 142 -25.68 31.34 27.99
C ASN C 142 -26.09 30.30 29.06
N SER C 143 -25.60 30.44 30.30
CA SER C 143 -25.79 29.42 31.34
C SER C 143 -25.96 29.98 32.73
N TYR C 144 -26.08 31.28 32.83
CA TYR C 144 -26.32 31.89 34.12
C TYR C 144 -27.51 32.79 34.19
N PRO C 145 -28.46 32.42 35.05
CA PRO C 145 -28.50 31.22 35.89
C PRO C 145 -28.98 30.04 35.04
N PRO C 146 -28.80 28.78 35.47
CA PRO C 146 -29.07 27.61 34.59
C PRO C 146 -30.42 27.64 33.88
N SER C 147 -31.46 28.19 34.53
CA SER C 147 -32.78 28.30 33.92
C SER C 147 -32.76 29.17 32.67
N ALA C 148 -31.78 30.07 32.58
CA ALA C 148 -31.63 30.93 31.42
C ALA C 148 -30.81 30.27 30.29
N GLY C 149 -30.44 29.01 30.48
CA GLY C 149 -29.67 28.28 29.49
C GLY C 149 -30.22 28.25 28.07
N ALA C 150 -29.41 28.62 27.10
CA ALA C 150 -29.88 28.69 25.72
C ALA C 150 -28.74 28.45 24.73
N PHE C 151 -29.01 27.76 23.64
CA PHE C 151 -27.98 27.55 22.61
C PHE C 151 -27.67 28.86 21.88
N ARG C 152 -26.43 29.01 21.41
CA ARG C 152 -26.04 30.15 20.59
C ARG C 152 -26.95 30.20 19.36
N ASP C 153 -27.48 31.37 19.03
CA ASP C 153 -28.32 31.42 17.83
C ASP C 153 -27.62 30.86 16.58
N ASP C 154 -26.36 31.17 16.40
CA ASP C 154 -25.67 30.71 15.19
C ASP C 154 -25.38 29.20 15.13
N VAL C 155 -25.86 28.41 16.09
CA VAL C 155 -25.71 26.97 15.96
C VAL C 155 -27.06 26.25 15.87
N ARG C 156 -28.14 27.01 15.96
CA ARG C 156 -29.48 26.46 15.88
C ARG C 156 -29.78 25.71 14.55
N SER C 157 -29.31 26.22 13.41
CA SER C 157 -29.59 25.56 12.11
C SER C 157 -29.00 24.17 12.06
N TYR C 158 -27.84 24.04 12.70
CA TYR C 158 -27.15 22.79 12.86
C TYR C 158 -27.85 21.91 13.89
N LEU C 159 -27.96 22.45 15.10
CA LEU C 159 -28.48 21.70 16.24
C LEU C 159 -29.95 21.30 16.13
N ASN C 160 -30.80 22.20 15.63
CA ASN C 160 -32.25 21.96 15.61
C ASN C 160 -32.63 20.60 14.97
N PRO C 161 -32.21 20.33 13.72
CA PRO C 161 -32.68 19.06 13.16
C PRO C 161 -32.02 17.84 13.79
N ILE C 162 -30.88 18.03 14.44
CA ILE C 162 -30.22 16.91 15.09
C ILE C 162 -31.02 16.52 16.33
N ILE C 163 -31.39 17.53 17.11
CA ILE C 163 -32.37 17.39 18.19
C ILE C 163 -33.66 16.73 17.77
N ARG C 164 -34.29 17.25 16.71
CA ARG C 164 -35.52 16.65 16.22
C ARG C 164 -35.31 15.17 15.93
N PHE C 165 -34.29 14.87 15.12
CA PHE C 165 -33.86 13.51 14.82
C PHE C 165 -33.67 12.63 16.03
N LEU C 166 -32.93 13.11 17.02
CA LEU C 166 -32.68 12.31 18.20
C LEU C 166 -33.97 11.97 18.89
N SER C 167 -34.88 12.94 18.91
CA SER C 167 -36.16 12.73 19.55
C SER C 167 -36.93 11.61 18.85
N SER C 168 -36.82 11.54 17.52
CA SER C 168 -37.64 10.61 16.77
C SER C 168 -37.18 9.19 16.96
N ILE C 169 -35.90 9.01 17.28
CA ILE C 169 -35.39 7.66 17.48
C ILE C 169 -35.18 7.34 18.95
N ARG C 170 -35.54 8.29 19.80
CA ARG C 170 -35.39 8.14 21.25
C ARG C 170 -33.94 7.83 21.63
N SER C 171 -33.02 8.62 21.09
CA SER C 171 -31.63 8.57 21.50
C SER C 171 -31.38 9.67 22.48
N PRO C 172 -30.46 9.44 23.42
CA PRO C 172 -30.07 10.58 24.25
C PRO C 172 -29.13 11.49 23.48
N LEU C 173 -28.81 12.67 24.03
CA LEU C 173 -27.77 13.51 23.50
C LEU C 173 -26.57 13.21 24.36
N LEU C 174 -25.41 13.06 23.74
CA LEU C 174 -24.19 12.87 24.50
C LEU C 174 -23.52 14.25 24.70
N ALA C 175 -23.07 14.55 25.92
CA ALA C 175 -22.43 15.83 26.21
C ALA C 175 -21.14 15.61 27.03
N ASN C 176 -20.04 16.20 26.57
CA ASN C 176 -18.80 16.30 27.35
C ASN C 176 -18.87 17.52 28.28
N ILE C 177 -18.62 17.31 29.56
CA ILE C 177 -18.84 18.36 30.54
C ILE C 177 -17.72 18.43 31.56
N TYR C 178 -17.04 19.57 31.59
CA TYR C 178 -15.86 19.71 32.44
C TYR C 178 -15.94 20.97 33.25
N PRO C 179 -16.52 20.88 34.46
CA PRO C 179 -16.41 22.00 35.39
C PRO C 179 -14.98 22.50 35.57
N TYR C 180 -14.01 21.61 35.46
CA TYR C 180 -12.61 22.00 35.57
C TYR C 180 -12.23 23.19 34.70
N PHE C 181 -12.56 23.14 33.41
CA PHE C 181 -12.10 24.18 32.49
C PHE C 181 -12.84 25.50 32.76
N THR C 182 -14.11 25.40 33.14
CA THR C 182 -14.92 26.55 33.54
C THR C 182 -14.20 27.17 34.74
N TYR C 183 -13.91 26.36 35.74
CA TYR C 183 -13.18 26.87 36.89
C TYR C 183 -11.81 27.49 36.53
N ALA C 184 -10.96 26.76 35.80
CA ALA C 184 -9.59 27.25 35.49
C ALA C 184 -9.56 28.59 34.75
N GLY C 185 -10.58 28.81 33.92
CA GLY C 185 -10.76 30.04 33.19
C GLY C 185 -11.27 31.22 33.99
N ASN C 186 -12.03 30.94 35.04
CA ASN C 186 -12.62 32.03 35.83
C ASN C 186 -12.64 31.75 37.33
N PRO C 187 -11.46 31.62 37.94
CA PRO C 187 -11.44 31.28 39.37
C PRO C 187 -11.93 32.43 40.26
N ARG C 188 -11.95 33.66 39.74
CA ARG C 188 -12.55 34.81 40.43
C ARG C 188 -14.06 34.63 40.68
N ASP C 189 -14.78 34.14 39.68
CA ASP C 189 -16.23 33.98 39.80
C ASP C 189 -16.66 32.56 40.14
N ILE C 190 -15.81 31.57 39.85
CA ILE C 190 -16.11 30.19 40.17
C ILE C 190 -15.23 29.77 41.33
N SER C 191 -15.84 29.31 42.42
CA SER C 191 -15.10 28.88 43.60
C SER C 191 -14.71 27.45 43.44
N LEU C 192 -13.57 27.12 44.01
CA LEU C 192 -13.06 25.77 43.92
C LEU C 192 -14.11 24.82 44.56
N PRO C 193 -14.66 25.16 45.77
CA PRO C 193 -15.67 24.21 46.30
C PRO C 193 -16.87 23.99 45.38
N TYR C 194 -17.31 25.03 44.69
CA TYR C 194 -18.41 24.94 43.75
C TYR C 194 -18.06 23.95 42.68
N ALA C 195 -16.82 24.02 42.20
CA ALA C 195 -16.39 23.12 41.16
C ALA C 195 -16.14 21.68 41.63
N LEU C 196 -15.91 21.50 42.92
CA LEU C 196 -15.48 20.21 43.42
C LEU C 196 -16.53 19.40 44.14
N PHE C 197 -17.78 19.88 44.13
CA PHE C 197 -18.86 19.24 44.90
C PHE C 197 -18.61 19.32 46.38
N THR C 198 -17.93 20.33 46.87
CA THR C 198 -17.69 20.27 48.29
C THR C 198 -18.41 21.38 49.02
N SER C 199 -19.32 22.06 48.34
CA SER C 199 -20.08 23.10 48.99
C SER C 199 -21.38 22.45 49.55
N PRO C 200 -21.57 22.48 50.87
CA PRO C 200 -22.75 21.95 51.56
C PRO C 200 -23.92 22.86 51.23
N SER C 201 -23.64 24.16 51.17
CA SER C 201 -24.62 25.21 50.85
C SER C 201 -24.64 25.68 49.39
N VAL C 202 -25.73 26.33 49.03
CA VAL C 202 -25.87 26.92 47.72
C VAL C 202 -24.91 28.03 47.34
N VAL C 203 -24.49 27.98 46.07
CA VAL C 203 -23.55 28.90 45.53
C VAL C 203 -24.20 29.80 44.49
N VAL C 204 -25.16 29.25 43.77
CA VAL C 204 -25.86 29.97 42.70
C VAL C 204 -27.33 29.78 42.94
N TRP C 205 -28.00 30.93 43.01
CA TRP C 205 -29.43 31.00 43.18
C TRP C 205 -30.21 31.20 41.89
N ASP C 206 -31.17 30.30 41.66
CA ASP C 206 -31.99 30.32 40.44
C ASP C 206 -33.48 30.28 40.82
N GLY C 207 -34.04 31.45 41.08
CA GLY C 207 -35.35 31.54 41.70
C GLY C 207 -35.38 30.71 42.98
N GLN C 208 -36.21 29.68 43.02
CA GLN C 208 -36.38 28.86 44.24
C GLN C 208 -35.39 27.69 44.24
N ARG C 209 -34.53 27.66 43.23
CA ARG C 209 -33.57 26.60 43.01
C ARG C 209 -32.19 27.01 43.43
N GLY C 210 -31.61 26.23 44.32
CA GLY C 210 -30.28 26.47 44.79
C GLY C 210 -29.31 25.50 44.15
N TYR C 211 -28.27 26.02 43.49
CA TYR C 211 -27.25 25.18 42.84
C TYR C 211 -26.06 25.15 43.76
N LYS C 212 -25.72 23.95 44.19
CA LYS C 212 -24.61 23.69 45.11
C LYS C 212 -23.28 23.36 44.41
N ASN C 213 -23.35 22.81 43.21
CA ASN C 213 -22.13 22.48 42.48
C ASN C 213 -22.20 22.85 40.99
N LEU C 214 -21.03 23.08 40.41
CA LEU C 214 -20.91 23.55 39.03
C LEU C 214 -21.42 22.56 38.00
N PHE C 215 -21.32 21.28 38.30
CA PHE C 215 -21.69 20.22 37.37
C PHE C 215 -23.20 20.28 37.19
N ASP C 216 -23.92 20.40 38.30
CA ASP C 216 -25.37 20.47 38.27
C ASP C 216 -25.84 21.72 37.51
N ALA C 217 -25.22 22.85 37.81
CA ALA C 217 -25.47 24.12 37.12
C ALA C 217 -25.28 24.01 35.61
N THR C 218 -24.20 23.35 35.21
CA THR C 218 -23.82 23.29 33.80
C THR C 218 -24.76 22.35 33.03
N LEU C 219 -25.05 21.19 33.62
CA LEU C 219 -25.94 20.21 33.03
C LEU C 219 -27.35 20.77 32.89
N ASP C 220 -27.84 21.40 33.96
CA ASP C 220 -29.18 21.93 33.93
C ASP C 220 -29.29 23.08 32.93
N ALA C 221 -28.21 23.84 32.75
CA ALA C 221 -28.23 24.84 31.68
C ALA C 221 -28.44 24.19 30.32
N LEU C 222 -27.83 23.04 30.11
CA LEU C 222 -27.97 22.28 28.87
C LEU C 222 -29.43 21.85 28.76
N TYR C 223 -29.95 21.33 29.87
CA TYR C 223 -31.35 20.90 29.89
C TYR C 223 -32.25 22.06 29.52
N SER C 224 -31.97 23.24 30.06
CA SER C 224 -32.79 24.41 29.77
C SER C 224 -32.70 24.78 28.29
N ALA C 225 -31.50 24.61 27.72
CA ALA C 225 -31.24 24.94 26.33
C ALA C 225 -31.95 24.00 25.38
N LEU C 226 -31.98 22.73 25.73
CA LEU C 226 -32.71 21.76 24.93
C LEU C 226 -34.22 22.12 24.91
N GLU C 227 -34.77 22.49 26.08
CA GLU C 227 -36.18 22.88 26.22
C GLU C 227 -36.56 24.06 25.33
N ARG C 228 -35.71 25.08 25.27
CA ARG C 228 -35.91 26.17 24.34
C ARG C 228 -35.69 25.75 22.87
N ALA C 229 -35.10 24.58 22.65
CA ALA C 229 -34.79 24.12 21.29
C ALA C 229 -35.53 22.85 20.92
N SER C 230 -36.70 22.70 21.53
CA SER C 230 -37.60 21.61 21.22
C SER C 230 -36.99 20.25 21.49
N GLY C 231 -36.13 20.18 22.51
CA GLY C 231 -35.59 18.88 22.91
C GLY C 231 -35.83 18.56 24.37
N GLY C 232 -36.93 19.07 24.90
CA GLY C 232 -37.27 18.88 26.29
C GLY C 232 -37.47 17.46 26.77
N SER C 233 -37.62 16.50 25.86
CA SER C 233 -37.71 15.12 26.32
C SER C 233 -36.46 14.32 26.14
N LEU C 234 -35.38 14.94 25.68
CA LEU C 234 -34.14 14.21 25.49
C LEU C 234 -33.44 14.00 26.80
N GLU C 235 -32.97 12.77 27.01
CA GLU C 235 -32.06 12.47 28.09
C GLU C 235 -30.66 12.95 27.68
N VAL C 236 -29.84 13.41 28.65
CA VAL C 236 -28.42 13.67 28.40
C VAL C 236 -27.52 12.64 29.06
N VAL C 237 -26.69 11.97 28.27
CA VAL C 237 -25.59 11.17 28.78
C VAL C 237 -24.32 12.00 28.87
N VAL C 238 -23.73 12.08 30.05
CA VAL C 238 -22.47 12.80 30.18
C VAL C 238 -21.35 11.90 29.67
N SER C 239 -20.93 12.14 28.43
CA SER C 239 -20.05 11.22 27.71
C SER C 239 -18.56 11.49 27.99
N GLU C 240 -18.27 12.59 28.68
CA GLU C 240 -16.97 12.83 29.32
C GLU C 240 -17.11 13.72 30.54
N SER C 241 -16.33 13.42 31.56
CA SER C 241 -16.12 14.38 32.64
C SER C 241 -14.91 13.95 33.43
N GLY C 242 -14.04 14.90 33.75
CA GLY C 242 -12.80 14.58 34.42
C GLY C 242 -12.08 15.78 34.96
N TRP C 243 -11.06 15.52 35.76
CA TRP C 243 -10.23 16.55 36.34
C TRP C 243 -8.78 16.12 36.28
N PRO C 244 -7.91 16.99 35.76
CA PRO C 244 -6.49 16.63 35.52
C PRO C 244 -5.64 16.64 36.79
N SER C 245 -4.72 15.68 36.90
CA SER C 245 -3.85 15.54 38.07
C SER C 245 -2.65 16.47 38.06
N ALA C 246 -2.31 17.01 36.89
CA ALA C 246 -1.18 17.97 36.71
C ALA C 246 -1.28 18.74 35.38
N GLY C 247 -0.46 19.78 35.20
CA GLY C 247 -0.26 20.37 33.89
C GLY C 247 -0.78 21.79 33.68
N ALA C 248 -1.44 22.33 34.70
CA ALA C 248 -2.08 23.64 34.58
C ALA C 248 -2.67 24.01 35.92
N PHE C 249 -3.12 25.25 36.07
CA PHE C 249 -3.71 25.79 37.31
C PHE C 249 -4.77 24.85 37.92
N ALA C 250 -4.60 24.52 39.20
CA ALA C 250 -5.57 23.69 39.96
C ALA C 250 -5.59 22.21 39.50
N ALA C 251 -4.68 21.84 38.62
CA ALA C 251 -4.49 20.43 38.26
C ALA C 251 -3.58 19.73 39.27
N THR C 252 -4.21 19.07 40.23
CA THR C 252 -3.52 18.41 41.34
C THR C 252 -4.15 17.05 41.68
N PHE C 253 -3.35 16.15 42.25
CA PHE C 253 -3.86 14.85 42.71
C PHE C 253 -5.07 15.01 43.66
N ASP C 254 -5.01 15.91 44.63
CA ASP C 254 -6.11 16.04 45.60
C ASP C 254 -7.38 16.54 44.95
N ASN C 255 -7.28 17.61 44.16
CA ASN C 255 -8.43 18.06 43.40
C ASN C 255 -9.01 16.97 42.51
N GLY C 256 -8.14 16.30 41.75
CA GLY C 256 -8.57 15.17 40.95
C GLY C 256 -9.36 14.15 41.74
N ARG C 257 -8.82 13.75 42.88
CA ARG C 257 -9.42 12.71 43.72
C ARG C 257 -10.77 13.21 44.26
N THR C 258 -10.80 14.47 44.71
CA THR C 258 -12.04 15.08 45.20
C THR C 258 -13.10 15.10 44.12
N TYR C 259 -12.82 15.77 43.00
CA TYR C 259 -13.82 15.88 41.94
C TYR C 259 -14.43 14.52 41.55
N LEU C 260 -13.58 13.56 41.21
CA LEU C 260 -14.00 12.24 40.70
C LEU C 260 -14.72 11.34 41.73
N SER C 261 -14.29 11.36 42.99
CA SER C 261 -14.98 10.53 43.97
C SER C 261 -16.34 11.12 44.21
N ASN C 262 -16.41 12.43 44.39
CA ASN C 262 -17.71 13.06 44.55
C ASN C 262 -18.63 12.90 43.35
N LEU C 263 -18.09 12.94 42.14
CA LEU C 263 -18.88 12.78 40.92
C LEU C 263 -19.55 11.39 40.89
N ILE C 264 -18.76 10.35 41.15
CA ILE C 264 -19.24 8.98 41.16
C ILE C 264 -20.43 8.81 42.08
N GLN C 265 -20.36 9.48 43.21
CA GLN C 265 -21.45 9.45 44.17
C GLN C 265 -22.60 10.31 43.69
N HIS C 266 -22.25 11.49 43.21
CA HIS C 266 -23.26 12.43 42.72
C HIS C 266 -24.20 11.89 41.68
N VAL C 267 -23.68 11.22 40.66
CA VAL C 267 -24.49 10.84 39.49
C VAL C 267 -25.45 9.66 39.72
N LYS C 268 -25.53 9.19 40.96
CA LYS C 268 -26.51 8.18 41.37
C LYS C 268 -27.87 8.85 41.42
N ARG C 269 -27.88 10.18 41.53
CA ARG C 269 -29.11 10.94 41.48
C ARG C 269 -28.99 12.03 40.44
N GLY C 270 -29.99 12.90 40.37
CA GLY C 270 -30.03 13.88 39.31
C GLY C 270 -29.71 15.30 39.72
N THR C 271 -30.25 16.25 38.97
CA THR C 271 -29.93 17.67 39.13
C THR C 271 -31.18 18.32 39.71
N PRO C 272 -31.08 19.58 40.18
CA PRO C 272 -32.28 20.30 40.64
C PRO C 272 -33.41 20.39 39.63
N LYS C 273 -33.15 20.20 38.35
CA LYS C 273 -34.22 20.29 37.37
C LYS C 273 -34.81 18.92 37.09
N ARG C 274 -34.00 17.86 37.26
CA ARG C 274 -34.43 16.47 37.03
C ARG C 274 -33.82 15.56 38.10
N PRO C 275 -34.46 15.52 39.27
CA PRO C 275 -33.95 14.94 40.52
C PRO C 275 -34.02 13.41 40.63
N LYS C 276 -35.00 12.79 39.98
CA LYS C 276 -35.20 11.36 40.22
C LYS C 276 -34.10 10.53 39.63
N ARG C 277 -33.92 10.62 38.31
CA ARG C 277 -33.12 9.65 37.55
C ARG C 277 -31.60 9.83 37.75
N ALA C 278 -30.90 8.70 37.87
CA ALA C 278 -29.43 8.63 37.91
C ALA C 278 -28.88 9.26 36.63
N ILE C 279 -27.71 9.92 36.69
CA ILE C 279 -27.10 10.50 35.48
C ILE C 279 -26.03 9.56 34.88
N GLU C 280 -26.27 8.97 33.71
CA GLU C 280 -25.24 8.14 33.05
C GLU C 280 -23.97 8.95 32.69
N THR C 281 -22.82 8.54 33.20
CA THR C 281 -21.62 9.34 33.14
C THR C 281 -20.38 8.54 32.75
N TYR C 282 -19.60 9.08 31.84
CA TYR C 282 -18.34 8.46 31.49
C TYR C 282 -17.16 9.30 31.95
N LEU C 283 -16.42 8.77 32.91
CA LEU C 283 -15.25 9.45 33.45
C LEU C 283 -14.12 9.52 32.41
N PHE C 284 -13.50 10.69 32.29
CA PHE C 284 -12.38 10.84 31.40
C PHE C 284 -11.12 11.03 32.23
N ALA C 285 -10.15 10.11 32.19
CA ALA C 285 -10.18 8.91 31.35
C ALA C 285 -9.39 7.79 32.05
N MET C 286 -9.38 6.59 31.49
CA MET C 286 -8.80 5.45 32.19
C MET C 286 -7.33 5.63 32.46
N PHE C 287 -6.59 6.01 31.42
CA PHE C 287 -5.14 6.21 31.48
C PHE C 287 -4.78 7.62 31.00
N ASP C 288 -3.72 8.19 31.57
CA ASP C 288 -3.06 9.37 30.99
C ASP C 288 -2.72 9.10 29.54
N GLU C 289 -2.64 10.15 28.73
CA GLU C 289 -2.34 9.98 27.31
C GLU C 289 -1.25 10.95 26.93
N ASN C 290 -0.03 10.49 27.17
CA ASN C 290 1.16 11.31 27.09
C ASN C 290 1.48 11.89 25.71
N LYS C 291 0.71 11.51 24.68
CA LYS C 291 0.93 12.01 23.34
C LYS C 291 0.09 13.23 22.99
N LYS C 292 -0.83 13.59 23.88
CA LYS C 292 -1.75 14.70 23.67
C LYS C 292 -1.16 16.09 23.96
N GLN C 293 -1.79 17.09 23.34
CA GLN C 293 -1.44 18.50 23.52
C GLN C 293 -2.74 19.27 23.85
N PRO C 294 -2.67 20.25 24.75
CA PRO C 294 -1.51 20.75 25.49
C PRO C 294 -1.20 19.96 26.75
N GLU C 295 -0.38 20.52 27.65
CA GLU C 295 0.15 19.75 28.76
C GLU C 295 -0.90 19.11 29.64
N VAL C 296 -1.98 19.85 29.86
CA VAL C 296 -2.96 19.43 30.83
C VAL C 296 -3.71 18.20 30.32
N GLU C 297 -3.75 18.03 28.99
CA GLU C 297 -4.47 16.91 28.38
C GLU C 297 -3.72 15.59 28.50
N LYS C 298 -2.58 15.60 29.19
CA LYS C 298 -1.85 14.36 29.42
C LYS C 298 -2.07 13.83 30.83
N HIS C 299 -2.99 14.42 31.56
CA HIS C 299 -3.14 14.06 32.96
C HIS C 299 -4.55 13.75 33.40
N PHE C 300 -5.39 13.32 32.46
CA PHE C 300 -6.76 12.98 32.80
C PHE C 300 -6.94 11.53 33.22
N GLY C 301 -5.85 10.76 33.22
CA GLY C 301 -5.89 9.35 33.59
C GLY C 301 -6.46 9.04 34.99
N LEU C 302 -7.17 7.94 35.11
CA LEU C 302 -7.69 7.47 36.39
C LEU C 302 -6.73 6.43 36.94
N PHE C 303 -5.98 5.82 36.03
CA PHE C 303 -5.02 4.75 36.34
C PHE C 303 -3.61 5.10 35.92
N PHE C 304 -2.66 4.61 36.70
CA PHE C 304 -1.28 4.62 36.26
C PHE C 304 -1.09 3.52 35.20
N PRO C 305 0.05 3.54 34.50
CA PRO C 305 0.17 2.47 33.52
C PRO C 305 0.41 1.11 34.15
N ASN C 306 0.86 1.04 35.40
CA ASN C 306 0.93 -0.28 36.05
C ASN C 306 -0.45 -0.79 36.50
N LYS C 307 -1.52 -0.05 36.17
CA LYS C 307 -2.93 -0.43 36.43
C LYS C 307 -3.36 -0.25 37.90
N TRP C 308 -2.54 0.44 38.69
CA TRP C 308 -2.91 0.84 40.06
C TRP C 308 -3.65 2.18 39.98
N GLN C 309 -4.73 2.30 40.74
CA GLN C 309 -5.53 3.51 40.76
C GLN C 309 -4.77 4.68 41.35
N LYS C 310 -4.92 5.85 40.73
CA LYS C 310 -4.40 7.11 41.28
C LYS C 310 -5.11 7.48 42.59
N TYR C 311 -6.42 7.25 42.59
CA TYR C 311 -7.29 7.88 43.54
C TYR C 311 -8.06 6.89 44.43
N ASN C 312 -7.99 5.59 44.14
CA ASN C 312 -8.65 4.61 45.02
C ASN C 312 -10.16 4.84 45.04
N LEU C 313 -10.80 4.62 43.90
CA LEU C 313 -12.23 4.89 43.72
C LEU C 313 -13.08 3.59 43.72
N ASN C 314 -14.28 3.67 44.29
CA ASN C 314 -15.27 2.63 44.10
C ASN C 314 -16.10 2.97 42.86
N PHE C 315 -16.14 2.09 41.85
CA PHE C 315 -16.95 2.37 40.66
C PHE C 315 -18.40 1.82 40.70
N SER C 316 -18.71 0.98 41.68
CA SER C 316 -20.11 0.53 41.88
C SER C 316 -20.84 1.61 42.71
N VAL D 2 -19.33 -22.72 -6.78
CA VAL D 2 -18.41 -21.64 -7.04
C VAL D 2 -17.11 -21.81 -6.25
N GLY D 3 -16.01 -21.28 -6.81
CA GLY D 3 -14.74 -21.28 -6.10
C GLY D 3 -14.34 -19.88 -5.68
N VAL D 4 -13.28 -19.77 -4.88
CA VAL D 4 -12.79 -18.47 -4.46
C VAL D 4 -11.28 -18.43 -4.52
N CYS D 5 -10.74 -17.35 -5.08
CA CYS D 5 -9.30 -17.14 -5.14
C CYS D 5 -8.75 -16.67 -3.79
N TYR D 6 -7.67 -17.35 -3.38
CA TYR D 6 -6.95 -17.10 -2.14
C TYR D 6 -5.67 -16.37 -2.48
N GLY D 7 -5.73 -15.03 -2.46
CA GLY D 7 -4.55 -14.20 -2.60
C GLY D 7 -3.96 -13.91 -1.23
N MET D 8 -2.64 -13.93 -1.09
CA MET D 8 -2.06 -13.78 0.24
C MET D 8 -1.31 -12.45 0.45
N GLN D 9 -1.51 -11.50 -0.48
CA GLN D 9 -0.76 -10.24 -0.44
C GLN D 9 -1.39 -9.21 0.48
N GLY D 10 -1.59 -9.58 1.75
CA GLY D 10 -2.04 -8.61 2.75
C GLY D 10 -1.18 -8.75 4.01
N ASN D 11 -1.09 -7.70 4.81
CA ASN D 11 -0.26 -7.73 6.03
C ASN D 11 -1.03 -8.07 7.28
N ASN D 12 -2.33 -8.29 7.10
CA ASN D 12 -3.27 -8.43 8.19
C ASN D 12 -4.21 -9.63 7.99
N LEU D 13 -3.77 -10.61 7.20
CA LEU D 13 -4.58 -11.79 6.84
C LEU D 13 -4.44 -12.93 7.88
N PRO D 14 -5.48 -13.78 8.03
CA PRO D 14 -5.36 -14.94 8.93
C PRO D 14 -4.27 -15.92 8.50
N PRO D 15 -3.75 -16.71 9.44
CA PRO D 15 -2.79 -17.78 9.16
C PRO D 15 -3.36 -18.75 8.14
N VAL D 16 -2.49 -19.35 7.34
CA VAL D 16 -2.89 -20.33 6.33
C VAL D 16 -3.90 -21.34 6.86
N SER D 17 -3.64 -21.89 8.05
CA SER D 17 -4.47 -22.96 8.64
C SER D 17 -5.93 -22.53 8.83
N GLU D 18 -6.05 -21.28 9.27
CA GLU D 18 -7.34 -20.68 9.50
C GLU D 18 -8.10 -20.39 8.21
N VAL D 19 -7.39 -20.01 7.14
CA VAL D 19 -8.05 -19.73 5.87
C VAL D 19 -8.73 -21.00 5.33
N ILE D 20 -8.02 -22.11 5.41
CA ILE D 20 -8.58 -23.40 5.04
C ILE D 20 -9.79 -23.73 5.90
N ALA D 21 -9.64 -23.62 7.21
CA ALA D 21 -10.75 -23.75 8.14
C ALA D 21 -11.94 -22.91 7.72
N LEU D 22 -11.68 -21.66 7.40
CA LEU D 22 -12.74 -20.76 6.97
C LEU D 22 -13.39 -21.19 5.66
N TYR D 23 -12.62 -21.88 4.82
CA TYR D 23 -13.16 -22.40 3.59
C TYR D 23 -14.10 -23.58 3.89
N LYS D 24 -13.60 -24.52 4.70
CA LYS D 24 -14.36 -25.69 5.08
C LYS D 24 -15.62 -25.23 5.76
N LYS D 25 -15.43 -24.33 6.71
CA LYS D 25 -16.50 -23.73 7.47
C LYS D 25 -17.55 -23.13 6.52
N SER D 26 -17.11 -22.41 5.50
CA SER D 26 -18.02 -21.74 4.59
C SER D 26 -18.56 -22.57 3.43
N ASN D 27 -18.17 -23.85 3.33
CA ASN D 27 -18.57 -24.74 2.20
C ASN D 27 -18.11 -24.22 0.82
N ILE D 28 -16.94 -23.60 0.79
CA ILE D 28 -16.31 -23.24 -0.46
C ILE D 28 -15.50 -24.50 -0.86
N THR D 29 -15.90 -25.20 -1.94
CA THR D 29 -15.24 -26.48 -2.24
C THR D 29 -14.17 -26.35 -3.34
N ARG D 30 -13.91 -25.10 -3.73
CA ARG D 30 -12.90 -24.79 -4.74
C ARG D 30 -12.06 -23.55 -4.44
N MET D 31 -10.74 -23.71 -4.59
CA MET D 31 -9.78 -22.66 -4.30
C MET D 31 -8.81 -22.45 -5.44
N ARG D 32 -8.43 -21.19 -5.67
CA ARG D 32 -7.33 -20.90 -6.58
C ARG D 32 -6.20 -20.19 -5.81
N ILE D 33 -5.00 -20.76 -5.86
CA ILE D 33 -3.80 -20.07 -5.39
C ILE D 33 -2.91 -19.74 -6.58
N TYR D 34 -1.99 -18.79 -6.44
CA TYR D 34 -1.19 -18.30 -7.55
C TYR D 34 0.26 -18.76 -7.61
N ASP D 35 0.70 -19.47 -6.56
CA ASP D 35 2.01 -20.11 -6.57
C ASP D 35 1.88 -21.38 -5.71
N PRO D 36 2.83 -22.33 -5.80
CA PRO D 36 2.66 -23.52 -4.95
C PRO D 36 3.20 -23.32 -3.55
N ASN D 37 2.53 -22.45 -2.80
CA ASN D 37 2.90 -22.21 -1.43
C ASN D 37 2.75 -23.50 -0.65
N GLN D 38 3.87 -23.94 -0.07
CA GLN D 38 3.96 -25.23 0.60
C GLN D 38 3.01 -25.32 1.79
N ALA D 39 3.00 -24.25 2.58
CA ALA D 39 2.17 -24.21 3.77
C ALA D 39 0.71 -24.43 3.40
N VAL D 40 0.24 -23.76 2.35
CA VAL D 40 -1.15 -23.94 1.88
C VAL D 40 -1.44 -25.36 1.43
N LEU D 41 -0.49 -25.94 0.70
CA LEU D 41 -0.60 -27.30 0.18
C LEU D 41 -0.67 -28.34 1.32
N GLU D 42 0.17 -28.18 2.33
CA GLU D 42 0.12 -29.05 3.53
C GLU D 42 -1.18 -28.88 4.34
N ALA D 43 -1.75 -27.68 4.31
CA ALA D 43 -2.95 -27.37 5.11
C ALA D 43 -4.16 -27.92 4.38
N LEU D 44 -3.99 -28.24 3.10
CA LEU D 44 -5.10 -28.73 2.30
C LEU D 44 -5.17 -30.25 2.41
N ARG D 45 -4.34 -30.81 3.28
CA ARG D 45 -4.21 -32.27 3.35
C ARG D 45 -5.52 -32.84 3.90
N GLY D 46 -6.19 -33.67 3.13
CA GLY D 46 -7.48 -34.26 3.48
C GLY D 46 -8.67 -33.32 3.45
N SER D 47 -8.48 -32.09 3.01
CA SER D 47 -9.55 -31.08 3.03
C SER D 47 -10.64 -31.32 2.00
N ASN D 48 -10.30 -32.09 0.97
CA ASN D 48 -11.19 -32.32 -0.18
C ASN D 48 -11.59 -31.07 -0.98
N ILE D 49 -10.88 -29.97 -0.78
CA ILE D 49 -11.12 -28.74 -1.53
C ILE D 49 -10.42 -28.78 -2.91
N GLU D 50 -11.19 -28.73 -4.00
CA GLU D 50 -10.57 -28.75 -5.33
C GLU D 50 -9.76 -27.48 -5.55
N LEU D 51 -8.56 -27.66 -6.09
CA LEU D 51 -7.56 -26.60 -6.21
C LEU D 51 -7.10 -26.20 -7.64
N ILE D 52 -7.05 -24.89 -7.93
CA ILE D 52 -6.28 -24.40 -9.08
C ILE D 52 -4.89 -24.03 -8.55
N LEU D 53 -3.89 -24.78 -8.98
CA LEU D 53 -2.52 -24.53 -8.55
C LEU D 53 -1.80 -23.65 -9.57
N GLY D 54 -1.30 -22.50 -9.15
CA GLY D 54 -0.71 -21.61 -10.14
C GLY D 54 0.79 -21.76 -10.27
N VAL D 55 1.26 -21.72 -11.51
CA VAL D 55 2.69 -21.55 -11.74
C VAL D 55 2.92 -20.05 -11.84
N PRO D 56 3.78 -19.49 -10.97
CA PRO D 56 3.94 -18.04 -11.02
C PRO D 56 4.68 -17.61 -12.26
N ASN D 57 4.33 -16.45 -12.79
CA ASN D 57 4.91 -15.99 -14.03
C ASN D 57 6.42 -15.98 -13.98
N SER D 58 6.95 -15.67 -12.80
CA SER D 58 8.39 -15.62 -12.59
C SER D 58 9.09 -16.98 -12.78
N ASP D 59 8.34 -18.08 -12.70
CA ASP D 59 8.92 -19.44 -12.86
C ASP D 59 8.79 -20.11 -14.26
N LEU D 60 8.04 -19.46 -15.15
CA LEU D 60 7.81 -19.97 -16.50
C LEU D 60 9.12 -20.27 -17.28
N GLN D 61 10.10 -19.38 -17.14
CA GLN D 61 11.32 -19.52 -17.92
C GLN D 61 12.00 -20.81 -17.51
N SER D 62 12.27 -20.95 -16.21
CA SER D 62 12.85 -22.20 -15.74
C SER D 62 12.13 -23.45 -16.24
N LEU D 63 10.81 -23.39 -16.35
CA LEU D 63 10.03 -24.61 -16.62
C LEU D 63 9.97 -24.97 -18.08
N THR D 64 10.56 -24.15 -18.93
CA THR D 64 10.67 -24.48 -20.34
C THR D 64 11.79 -25.49 -20.52
N ASN D 65 12.55 -25.70 -19.44
CA ASN D 65 13.50 -26.79 -19.36
C ASN D 65 12.68 -27.97 -18.80
N PRO D 66 12.62 -29.09 -19.56
CA PRO D 66 11.81 -30.27 -19.27
C PRO D 66 12.08 -30.90 -17.91
N SER D 67 13.37 -31.02 -17.61
CA SER D 67 13.89 -31.61 -16.39
C SER D 67 13.51 -30.76 -15.16
N ASN D 68 13.53 -29.44 -15.34
CA ASN D 68 13.10 -28.47 -14.32
C ASN D 68 11.59 -28.61 -14.03
N ALA D 69 10.83 -28.82 -15.10
CA ALA D 69 9.38 -29.01 -15.03
C ALA D 69 9.09 -30.30 -14.31
N LYS D 70 9.90 -31.31 -14.64
CA LYS D 70 9.75 -32.61 -14.04
C LYS D 70 9.88 -32.45 -12.53
N SER D 71 10.95 -31.80 -12.09
CA SER D 71 11.15 -31.61 -10.66
C SER D 71 10.11 -30.76 -9.94
N TRP D 72 9.50 -29.82 -10.67
CA TRP D 72 8.41 -28.97 -10.18
C TRP D 72 7.11 -29.77 -9.93
N VAL D 73 6.74 -30.55 -10.95
CA VAL D 73 5.62 -31.47 -10.89
C VAL D 73 5.84 -32.47 -9.75
N GLN D 74 7.06 -32.94 -9.55
CA GLN D 74 7.33 -33.86 -8.43
C GLN D 74 7.05 -33.25 -7.06
N LYS D 75 7.64 -32.09 -6.86
CA LYS D 75 7.59 -31.42 -5.57
C LYS D 75 6.21 -30.88 -5.19
N ASN D 76 5.54 -30.24 -6.15
CA ASN D 76 4.35 -29.50 -5.81
C ASN D 76 3.10 -30.29 -6.14
N VAL D 77 3.25 -31.34 -6.96
CA VAL D 77 2.11 -32.15 -7.33
C VAL D 77 2.18 -33.60 -6.87
N ARG D 78 3.17 -34.35 -7.37
CA ARG D 78 3.24 -35.78 -7.06
C ARG D 78 3.45 -35.96 -5.57
N GLY D 79 4.07 -34.94 -4.98
CA GLY D 79 4.38 -34.92 -3.57
C GLY D 79 3.17 -34.76 -2.66
N PHE D 80 2.00 -34.51 -3.26
CA PHE D 80 0.76 -34.18 -2.53
C PHE D 80 -0.48 -34.91 -3.09
N TRP D 81 -0.32 -35.61 -4.20
CA TRP D 81 -1.48 -36.20 -4.89
C TRP D 81 -2.32 -37.18 -4.09
N SER D 82 -1.66 -37.87 -3.18
CA SER D 82 -2.37 -38.67 -2.21
C SER D 82 -3.50 -37.91 -1.50
N SER D 83 -3.24 -36.63 -1.17
CA SER D 83 -4.07 -35.90 -0.20
C SER D 83 -4.58 -34.53 -0.62
N VAL D 84 -4.21 -34.06 -1.81
CA VAL D 84 -4.64 -32.73 -2.29
C VAL D 84 -5.39 -32.89 -3.61
N ARG D 85 -6.60 -32.33 -3.69
CA ARG D 85 -7.44 -32.49 -4.88
C ARG D 85 -7.08 -31.43 -5.92
N PHE D 86 -5.91 -31.62 -6.54
CA PHE D 86 -5.49 -30.85 -7.69
C PHE D 86 -6.54 -30.99 -8.76
N ARG D 87 -6.99 -29.85 -9.28
CA ARG D 87 -7.95 -29.84 -10.38
C ARG D 87 -7.36 -29.25 -11.69
N TYR D 88 -6.82 -28.02 -11.62
CA TYR D 88 -6.14 -27.41 -12.78
C TYR D 88 -4.77 -26.87 -12.36
N ILE D 89 -3.79 -26.92 -13.25
CA ILE D 89 -2.60 -26.11 -13.02
C ILE D 89 -2.62 -24.89 -13.94
N ALA D 90 -2.61 -23.70 -13.36
CA ALA D 90 -2.70 -22.45 -14.10
C ALA D 90 -1.30 -22.00 -14.42
N VAL D 91 -0.82 -22.38 -15.58
CA VAL D 91 0.56 -22.10 -15.96
C VAL D 91 0.68 -20.67 -16.51
N GLY D 92 0.99 -19.73 -15.62
CA GLY D 92 1.02 -18.33 -16.01
C GLY D 92 -0.32 -17.65 -15.80
N ASN D 93 -0.30 -16.34 -15.60
CA ASN D 93 -1.53 -15.62 -15.35
C ASN D 93 -1.53 -14.29 -16.11
N GLU D 94 -2.58 -14.04 -16.91
CA GLU D 94 -2.74 -12.81 -17.71
C GLU D 94 -1.56 -12.50 -18.60
N ILE D 95 -0.98 -13.54 -19.21
CA ILE D 95 0.16 -13.35 -20.10
C ILE D 95 -0.31 -12.93 -21.50
N SER D 96 0.31 -11.88 -22.05
CA SER D 96 0.05 -11.47 -23.41
C SER D 96 1.33 -11.21 -24.20
N PRO D 97 1.34 -11.58 -25.48
CA PRO D 97 2.60 -11.32 -26.18
C PRO D 97 2.76 -9.86 -26.61
N VAL D 98 1.78 -9.01 -26.30
CA VAL D 98 1.81 -7.61 -26.73
C VAL D 98 1.58 -6.60 -25.61
N ASN D 99 1.34 -7.07 -24.39
CA ASN D 99 1.26 -6.11 -23.29
C ASN D 99 2.65 -5.92 -22.68
N ARG D 100 3.02 -4.68 -22.38
CA ARG D 100 4.36 -4.38 -21.88
C ARG D 100 4.79 -5.22 -20.66
N GLY D 101 3.86 -5.47 -19.75
CA GLY D 101 4.17 -6.22 -18.55
C GLY D 101 4.57 -7.67 -18.71
N THR D 102 4.07 -8.34 -19.76
CA THR D 102 4.26 -9.77 -19.88
C THR D 102 4.78 -10.24 -21.24
N ALA D 103 4.99 -9.32 -22.17
CA ALA D 103 5.39 -9.67 -23.54
C ALA D 103 6.63 -10.58 -23.58
N TRP D 104 7.64 -10.22 -22.80
CA TRP D 104 8.89 -10.98 -22.64
C TRP D 104 8.74 -12.32 -21.96
N LEU D 105 7.51 -12.73 -21.65
CA LEU D 105 7.22 -14.03 -21.02
C LEU D 105 6.44 -14.94 -21.94
N ALA D 106 5.84 -14.38 -23.00
CA ALA D 106 4.92 -15.12 -23.88
C ALA D 106 5.54 -16.37 -24.46
N GLN D 107 6.77 -16.25 -24.91
CA GLN D 107 7.56 -17.38 -25.39
C GLN D 107 7.56 -18.62 -24.53
N PHE D 108 7.50 -18.43 -23.21
CA PHE D 108 7.74 -19.53 -22.26
C PHE D 108 6.54 -20.43 -21.95
N VAL D 109 5.34 -19.90 -22.18
CA VAL D 109 4.13 -20.51 -21.65
C VAL D 109 3.83 -21.90 -22.24
N LEU D 110 3.63 -21.97 -23.54
CA LEU D 110 3.37 -23.25 -24.19
C LEU D 110 4.46 -24.32 -23.92
N PRO D 111 5.75 -23.93 -23.97
CA PRO D 111 6.74 -24.98 -23.68
C PRO D 111 6.65 -25.46 -22.26
N ALA D 112 6.47 -24.53 -21.33
CA ALA D 112 6.18 -24.86 -19.93
C ALA D 112 4.97 -25.76 -19.78
N MET D 113 3.87 -25.39 -20.42
CA MET D 113 2.64 -26.21 -20.43
C MET D 113 2.87 -27.61 -20.94
N ARG D 114 3.67 -27.72 -22.00
CA ARG D 114 4.02 -29.02 -22.56
C ARG D 114 4.88 -29.82 -21.58
N ASN D 115 5.95 -29.20 -21.05
CA ASN D 115 6.82 -29.90 -20.10
C ASN D 115 6.07 -30.31 -18.84
N ILE D 116 5.28 -29.38 -18.32
CA ILE D 116 4.47 -29.66 -17.15
C ILE D 116 3.49 -30.77 -17.51
N HIS D 117 2.82 -30.66 -18.65
CA HIS D 117 1.88 -31.70 -19.01
C HIS D 117 2.52 -33.08 -19.18
N ASP D 118 3.72 -33.10 -19.76
CA ASP D 118 4.46 -34.33 -20.01
C ASP D 118 4.85 -35.00 -18.71
N ALA D 119 5.38 -34.22 -17.78
CA ALA D 119 5.73 -34.75 -16.49
C ALA D 119 4.44 -35.23 -15.80
N ILE D 120 3.39 -34.41 -15.79
CA ILE D 120 2.08 -34.83 -15.28
C ILE D 120 1.65 -36.12 -15.97
N ARG D 121 1.79 -36.20 -17.28
CA ARG D 121 1.32 -37.41 -17.98
C ARG D 121 2.10 -38.68 -17.69
N SER D 122 3.44 -38.55 -17.62
CA SER D 122 4.30 -39.63 -17.17
C SER D 122 3.87 -40.14 -15.78
N ALA D 123 3.38 -39.22 -14.95
CA ALA D 123 2.98 -39.63 -13.62
C ALA D 123 1.56 -40.11 -13.67
N GLY D 124 0.94 -39.96 -14.85
CA GLY D 124 -0.42 -40.44 -15.01
C GLY D 124 -1.57 -39.75 -14.33
N LEU D 125 -1.50 -38.41 -14.23
CA LEU D 125 -2.56 -37.72 -13.51
C LEU D 125 -3.35 -36.86 -14.49
N GLN D 126 -3.21 -37.16 -15.78
CA GLN D 126 -3.74 -36.26 -16.81
C GLN D 126 -5.26 -36.33 -16.92
N ASP D 127 -5.88 -37.37 -16.39
CA ASP D 127 -7.34 -37.43 -16.45
C ASP D 127 -7.90 -36.80 -15.19
N GLN D 128 -7.02 -36.52 -14.24
CA GLN D 128 -7.41 -35.85 -13.01
C GLN D 128 -7.05 -34.35 -13.01
N ILE D 129 -5.81 -34.06 -13.39
CA ILE D 129 -5.18 -32.73 -13.34
C ILE D 129 -4.99 -32.14 -14.73
N LYS D 130 -5.78 -31.12 -15.07
CA LYS D 130 -5.78 -30.51 -16.40
C LYS D 130 -4.77 -29.33 -16.47
N VAL D 131 -3.76 -29.41 -17.33
CA VAL D 131 -2.80 -28.32 -17.44
C VAL D 131 -3.43 -27.22 -18.30
N SER D 132 -3.36 -25.95 -17.85
CA SER D 132 -3.95 -24.83 -18.62
C SER D 132 -3.25 -23.50 -18.32
N THR D 133 -3.80 -22.39 -18.79
CA THR D 133 -3.26 -21.05 -18.49
C THR D 133 -4.39 -20.06 -18.29
N ALA D 134 -4.17 -19.02 -17.50
CA ALA D 134 -5.24 -18.07 -17.22
C ALA D 134 -4.98 -16.79 -18.01
N ILE D 135 -5.89 -16.45 -18.92
CA ILE D 135 -5.75 -15.24 -19.74
C ILE D 135 -6.58 -14.09 -19.19
N ASP D 136 -6.31 -12.86 -19.63
CA ASP D 136 -7.29 -11.78 -19.51
C ASP D 136 -7.83 -11.49 -20.90
N LEU D 137 -8.81 -10.61 -21.01
CA LEU D 137 -9.44 -10.38 -22.31
C LEU D 137 -8.84 -9.22 -23.11
N THR D 138 -7.64 -8.77 -22.73
CA THR D 138 -6.93 -7.83 -23.59
C THR D 138 -6.64 -8.57 -24.90
N LEU D 139 -6.59 -9.90 -24.85
CA LEU D 139 -6.37 -10.72 -26.04
C LEU D 139 -7.54 -10.70 -27.03
N VAL D 140 -8.74 -10.48 -26.52
CA VAL D 140 -9.92 -10.33 -27.36
C VAL D 140 -9.93 -8.91 -27.86
N GLY D 141 -9.89 -8.75 -29.18
CA GLY D 141 -9.84 -7.45 -29.81
C GLY D 141 -11.19 -6.83 -30.11
N ASN D 142 -12.18 -7.67 -30.33
CA ASN D 142 -13.55 -7.22 -30.61
C ASN D 142 -14.62 -8.06 -29.96
N SER D 143 -15.64 -7.42 -29.41
CA SER D 143 -16.60 -8.19 -28.64
C SER D 143 -18.02 -7.64 -28.78
N TYR D 144 -18.22 -6.68 -29.69
CA TYR D 144 -19.58 -6.22 -29.92
C TYR D 144 -19.95 -6.25 -31.40
N PRO D 145 -20.99 -7.01 -31.74
CA PRO D 145 -21.76 -7.81 -30.79
C PRO D 145 -21.04 -9.12 -30.49
N PRO D 146 -21.38 -9.81 -29.39
CA PRO D 146 -20.59 -10.97 -28.95
C PRO D 146 -20.30 -11.99 -30.06
N SER D 147 -21.24 -12.19 -30.97
CA SER D 147 -21.05 -13.12 -32.08
C SER D 147 -19.87 -12.70 -32.97
N ALA D 148 -19.55 -11.41 -32.94
CA ALA D 148 -18.44 -10.83 -33.69
C ALA D 148 -17.14 -10.96 -32.91
N GLY D 149 -17.19 -11.63 -31.75
CA GLY D 149 -16.02 -11.81 -30.91
C GLY D 149 -14.79 -12.39 -31.59
N ALA D 150 -13.66 -11.72 -31.45
CA ALA D 150 -12.44 -12.16 -32.12
C ALA D 150 -11.14 -11.80 -31.39
N PHE D 151 -10.16 -12.70 -31.44
CA PHE D 151 -8.86 -12.42 -30.84
C PHE D 151 -8.14 -11.38 -31.70
N ARG D 152 -7.30 -10.55 -31.08
CA ARG D 152 -6.44 -9.62 -31.79
C ARG D 152 -5.54 -10.36 -32.80
N ASP D 153 -5.42 -9.91 -34.04
CA ASP D 153 -4.51 -10.59 -34.99
C ASP D 153 -3.07 -10.77 -34.46
N ASP D 154 -2.53 -9.74 -33.77
CA ASP D 154 -1.17 -9.80 -33.26
C ASP D 154 -0.94 -10.75 -32.07
N VAL D 155 -1.97 -11.48 -31.66
CA VAL D 155 -1.77 -12.50 -30.63
C VAL D 155 -2.10 -13.88 -31.13
N ARG D 156 -2.53 -13.98 -32.38
CA ARG D 156 -2.87 -15.31 -32.91
C ARG D 156 -1.70 -16.32 -32.92
N SER D 157 -0.47 -15.88 -33.22
CA SER D 157 0.72 -16.77 -33.26
C SER D 157 1.00 -17.40 -31.92
N TYR D 158 0.71 -16.61 -30.89
CA TYR D 158 0.82 -17.02 -29.52
C TYR D 158 -0.32 -17.97 -29.17
N LEU D 159 -1.55 -17.49 -29.36
CA LEU D 159 -2.75 -18.21 -28.98
C LEU D 159 -3.11 -19.48 -29.76
N ASN D 160 -2.90 -19.48 -31.06
CA ASN D 160 -3.36 -20.61 -31.88
C ASN D 160 -2.84 -21.96 -31.36
N PRO D 161 -1.50 -22.12 -31.23
CA PRO D 161 -1.06 -23.46 -30.81
C PRO D 161 -1.42 -23.79 -29.36
N ILE D 162 -1.68 -22.77 -28.55
CA ILE D 162 -2.07 -23.03 -27.17
C ILE D 162 -3.50 -23.62 -27.18
N ILE D 163 -4.39 -22.98 -27.93
CA ILE D 163 -5.72 -23.52 -28.26
C ILE D 163 -5.60 -24.93 -28.82
N ARG D 164 -4.76 -25.06 -29.83
CA ARG D 164 -4.52 -26.35 -30.44
C ARG D 164 -4.09 -27.37 -29.39
N PHE D 165 -3.06 -27.03 -28.62
CA PHE D 165 -2.65 -27.86 -27.49
C PHE D 165 -3.79 -28.23 -26.52
N LEU D 166 -4.56 -27.23 -26.08
CA LEU D 166 -5.66 -27.47 -25.11
C LEU D 166 -6.73 -28.38 -25.67
N SER D 167 -7.05 -28.23 -26.95
CA SER D 167 -8.07 -29.08 -27.54
C SER D 167 -7.63 -30.54 -27.53
N SER D 168 -6.35 -30.78 -27.83
CA SER D 168 -5.85 -32.13 -28.01
C SER D 168 -5.69 -32.88 -26.71
N ILE D 169 -5.51 -32.15 -25.62
CA ILE D 169 -5.37 -32.80 -24.32
C ILE D 169 -6.64 -32.69 -23.48
N ARG D 170 -7.68 -32.10 -24.06
CA ARG D 170 -8.98 -31.88 -23.36
C ARG D 170 -8.89 -31.09 -22.05
N SER D 171 -8.15 -29.97 -22.08
CA SER D 171 -8.12 -29.03 -20.97
C SER D 171 -9.03 -27.86 -21.29
N PRO D 172 -9.66 -27.25 -20.28
CA PRO D 172 -10.37 -26.00 -20.59
C PRO D 172 -9.43 -24.79 -20.71
N LEU D 173 -9.96 -23.66 -21.15
CA LEU D 173 -9.21 -22.42 -21.10
C LEU D 173 -9.67 -21.66 -19.83
N LEU D 174 -8.74 -21.11 -19.07
CA LEU D 174 -9.09 -20.29 -17.90
C LEU D 174 -9.15 -18.81 -18.31
N ALA D 175 -10.20 -18.10 -17.89
CA ALA D 175 -10.30 -16.68 -18.26
C ALA D 175 -10.67 -15.80 -17.06
N ASN D 176 -9.92 -14.73 -16.84
CA ASN D 176 -10.33 -13.70 -15.86
C ASN D 176 -11.27 -12.69 -16.50
N ILE D 177 -12.42 -12.44 -15.89
CA ILE D 177 -13.47 -11.64 -16.52
C ILE D 177 -14.11 -10.69 -15.50
N TYR D 178 -13.98 -9.40 -15.76
CA TYR D 178 -14.44 -8.39 -14.81
C TYR D 178 -15.29 -7.37 -15.54
N PRO D 179 -16.61 -7.61 -15.58
CA PRO D 179 -17.52 -6.58 -16.07
C PRO D 179 -17.30 -5.24 -15.41
N TYR D 180 -16.84 -5.22 -14.15
CA TYR D 180 -16.54 -3.97 -13.47
C TYR D 180 -15.65 -3.00 -14.23
N PHE D 181 -14.52 -3.50 -14.73
CA PHE D 181 -13.54 -2.61 -15.35
C PHE D 181 -14.10 -2.10 -16.66
N THR D 182 -14.85 -2.94 -17.36
CA THR D 182 -15.52 -2.52 -18.59
C THR D 182 -16.43 -1.35 -18.27
N TYR D 183 -17.32 -1.55 -17.29
CA TYR D 183 -18.23 -0.49 -16.89
C TYR D 183 -17.51 0.78 -16.44
N ALA D 184 -16.55 0.62 -15.52
CA ALA D 184 -15.83 1.77 -14.93
C ALA D 184 -15.16 2.64 -15.99
N GLY D 185 -14.72 2.02 -17.08
CA GLY D 185 -14.12 2.75 -18.17
C GLY D 185 -15.09 3.50 -19.06
N ASN D 186 -16.33 3.02 -19.17
CA ASN D 186 -17.30 3.63 -20.07
C ASN D 186 -18.73 3.70 -19.51
N PRO D 187 -18.92 4.41 -18.40
CA PRO D 187 -20.26 4.39 -17.81
C PRO D 187 -21.30 5.15 -18.60
N ARG D 188 -20.85 6.07 -19.46
CA ARG D 188 -21.69 6.79 -20.40
C ARG D 188 -22.38 5.86 -21.45
N ASP D 189 -21.64 4.89 -21.99
CA ASP D 189 -22.21 3.99 -23.02
C ASP D 189 -22.69 2.66 -22.46
N ILE D 190 -22.18 2.28 -21.30
CA ILE D 190 -22.57 1.04 -20.63
C ILE D 190 -23.45 1.28 -19.39
N SER D 191 -24.63 0.65 -19.31
CA SER D 191 -25.42 0.93 -18.11
C SER D 191 -25.00 0.01 -16.97
N LEU D 192 -25.09 0.56 -15.76
CA LEU D 192 -24.71 -0.12 -14.52
C LEU D 192 -25.54 -1.42 -14.28
N PRO D 193 -26.88 -1.38 -14.46
CA PRO D 193 -27.65 -2.63 -14.26
C PRO D 193 -27.17 -3.77 -15.14
N TYR D 194 -26.75 -3.42 -16.36
CA TYR D 194 -26.25 -4.39 -17.34
C TYR D 194 -25.04 -5.11 -16.77
N ALA D 195 -24.15 -4.35 -16.15
CA ALA D 195 -22.97 -4.92 -15.56
C ALA D 195 -23.31 -5.69 -14.29
N LEU D 196 -24.45 -5.41 -13.69
CA LEU D 196 -24.74 -5.98 -12.36
C LEU D 196 -25.76 -7.12 -12.34
N PHE D 197 -26.21 -7.58 -13.51
CA PHE D 197 -27.29 -8.60 -13.65
C PHE D 197 -28.64 -8.10 -13.11
N THR D 198 -28.92 -6.81 -13.16
CA THR D 198 -30.15 -6.34 -12.55
C THR D 198 -31.09 -5.80 -13.60
N SER D 199 -30.78 -6.13 -14.84
CA SER D 199 -31.57 -5.68 -15.96
C SER D 199 -32.66 -6.71 -16.14
N PRO D 200 -33.94 -6.29 -16.03
CA PRO D 200 -35.08 -7.20 -16.18
C PRO D 200 -35.23 -7.63 -17.63
N SER D 201 -35.04 -6.68 -18.54
CA SER D 201 -35.14 -6.97 -19.97
C SER D 201 -33.79 -7.19 -20.65
N VAL D 202 -33.82 -7.83 -21.81
CA VAL D 202 -32.62 -7.98 -22.60
C VAL D 202 -32.19 -6.59 -23.02
N VAL D 203 -30.88 -6.37 -23.07
CA VAL D 203 -30.32 -5.06 -23.35
C VAL D 203 -29.65 -5.01 -24.72
N VAL D 204 -29.13 -6.15 -25.14
CA VAL D 204 -28.43 -6.27 -26.40
C VAL D 204 -28.95 -7.43 -27.25
N TRP D 205 -29.30 -7.11 -28.50
CA TRP D 205 -29.71 -8.16 -29.46
C TRP D 205 -28.59 -8.62 -30.41
N ASP D 206 -28.40 -9.92 -30.38
CA ASP D 206 -27.37 -10.62 -31.13
C ASP D 206 -27.99 -11.75 -31.93
N GLY D 207 -28.47 -11.45 -33.13
CA GLY D 207 -29.30 -12.39 -33.85
C GLY D 207 -30.44 -12.88 -32.97
N GLN D 208 -30.42 -14.19 -32.70
CA GLN D 208 -31.46 -14.86 -31.96
C GLN D 208 -31.18 -14.89 -30.44
N ARG D 209 -30.07 -14.25 -30.08
CA ARG D 209 -29.56 -14.21 -28.70
C ARG D 209 -29.81 -12.84 -28.08
N GLY D 210 -30.51 -12.83 -26.95
CA GLY D 210 -30.79 -11.60 -26.20
C GLY D 210 -29.85 -11.58 -25.01
N TYR D 211 -29.07 -10.51 -24.85
CA TYR D 211 -28.13 -10.40 -23.74
C TYR D 211 -28.66 -9.50 -22.63
N LYS D 212 -28.82 -10.09 -21.45
CA LYS D 212 -29.33 -9.36 -20.30
C LYS D 212 -28.21 -8.76 -19.44
N ASN D 213 -27.04 -9.40 -19.46
CA ASN D 213 -25.93 -8.91 -18.65
C ASN D 213 -24.57 -8.89 -19.33
N LEU D 214 -23.69 -8.02 -18.83
CA LEU D 214 -22.37 -7.78 -19.40
C LEU D 214 -21.48 -9.02 -19.31
N PHE D 215 -21.69 -9.83 -18.29
CA PHE D 215 -20.88 -11.01 -18.03
C PHE D 215 -21.12 -12.02 -19.15
N ASP D 216 -22.40 -12.26 -19.48
CA ASP D 216 -22.80 -13.17 -20.55
C ASP D 216 -22.29 -12.70 -21.93
N ALA D 217 -22.47 -11.41 -22.18
CA ALA D 217 -21.99 -10.77 -23.41
C ALA D 217 -20.48 -11.01 -23.57
N THR D 218 -19.74 -10.82 -22.49
CA THR D 218 -18.29 -10.87 -22.48
C THR D 218 -17.78 -12.31 -22.61
N LEU D 219 -18.40 -13.24 -21.92
CA LEU D 219 -17.99 -14.64 -22.01
C LEU D 219 -18.21 -15.18 -23.44
N ASP D 220 -19.38 -14.89 -24.01
CA ASP D 220 -19.72 -15.36 -25.34
C ASP D 220 -18.85 -14.75 -26.42
N ALA D 221 -18.42 -13.51 -26.20
CA ALA D 221 -17.46 -12.92 -27.09
C ALA D 221 -16.19 -13.77 -27.05
N LEU D 222 -15.84 -14.24 -25.86
CA LEU D 222 -14.67 -15.09 -25.75
C LEU D 222 -14.93 -16.41 -26.53
N TYR D 223 -16.08 -17.04 -26.34
CA TYR D 223 -16.43 -18.29 -27.06
C TYR D 223 -16.41 -18.14 -28.60
N SER D 224 -16.96 -17.04 -29.08
CA SER D 224 -17.05 -16.77 -30.51
C SER D 224 -15.64 -16.62 -31.09
N ALA D 225 -14.75 -16.03 -30.31
CA ALA D 225 -13.37 -15.83 -30.74
C ALA D 225 -12.65 -17.19 -30.77
N LEU D 226 -12.95 -18.04 -29.80
CA LEU D 226 -12.42 -19.40 -29.76
C LEU D 226 -12.86 -20.24 -30.97
N GLU D 227 -14.13 -20.12 -31.28
CA GLU D 227 -14.75 -20.82 -32.40
C GLU D 227 -14.03 -20.44 -33.70
N ARG D 228 -13.71 -19.15 -33.85
CA ARG D 228 -12.89 -18.68 -34.96
C ARG D 228 -11.42 -19.11 -34.93
N ALA D 229 -10.93 -19.64 -33.82
CA ALA D 229 -9.52 -20.03 -33.76
C ALA D 229 -9.37 -21.50 -33.50
N SER D 230 -10.34 -22.28 -33.98
CA SER D 230 -10.30 -23.74 -33.88
C SER D 230 -10.30 -24.24 -32.42
N GLY D 231 -10.99 -23.50 -31.55
CA GLY D 231 -11.17 -23.96 -30.19
C GLY D 231 -12.63 -24.01 -29.83
N GLY D 232 -13.45 -24.28 -30.83
CA GLY D 232 -14.90 -24.33 -30.72
C GLY D 232 -15.39 -25.39 -29.75
N SER D 233 -14.49 -26.30 -29.39
CA SER D 233 -14.80 -27.29 -28.39
C SER D 233 -14.25 -27.06 -27.00
N LEU D 234 -13.59 -25.92 -26.79
CA LEU D 234 -13.04 -25.65 -25.47
C LEU D 234 -14.10 -25.14 -24.52
N GLU D 235 -14.16 -25.69 -23.32
CA GLU D 235 -14.94 -25.09 -22.24
C GLU D 235 -14.13 -23.90 -21.71
N VAL D 236 -14.79 -22.83 -21.27
CA VAL D 236 -14.06 -21.78 -20.56
C VAL D 236 -14.42 -21.81 -19.06
N VAL D 237 -13.38 -21.95 -18.23
CA VAL D 237 -13.50 -21.74 -16.81
C VAL D 237 -13.19 -20.29 -16.44
N VAL D 238 -14.14 -19.62 -15.80
CA VAL D 238 -13.90 -18.26 -15.36
C VAL D 238 -13.05 -18.24 -14.08
N SER D 239 -11.75 -18.00 -14.23
CA SER D 239 -10.78 -18.22 -13.17
C SER D 239 -10.59 -17.01 -12.19
N GLU D 240 -11.21 -15.88 -12.54
CA GLU D 240 -11.43 -14.76 -11.62
C GLU D 240 -12.68 -13.96 -11.99
N SER D 241 -13.41 -13.48 -10.99
CA SER D 241 -14.42 -12.46 -11.21
C SER D 241 -14.83 -11.83 -9.87
N GLY D 242 -14.92 -10.51 -9.86
CA GLY D 242 -15.20 -9.82 -8.63
C GLY D 242 -15.57 -8.39 -8.86
N TRP D 243 -16.01 -7.72 -7.79
CA TRP D 243 -16.37 -6.33 -7.87
C TRP D 243 -15.81 -5.68 -6.60
N PRO D 244 -15.05 -4.58 -6.73
CA PRO D 244 -14.37 -3.97 -5.58
C PRO D 244 -15.31 -3.12 -4.72
N SER D 245 -15.16 -3.15 -3.39
CA SER D 245 -16.06 -2.40 -2.50
C SER D 245 -15.66 -0.93 -2.35
N ALA D 246 -14.43 -0.59 -2.73
CA ALA D 246 -13.97 0.79 -2.65
C ALA D 246 -12.74 1.02 -3.52
N GLY D 247 -12.35 2.29 -3.66
CA GLY D 247 -11.04 2.62 -4.20
C GLY D 247 -11.05 3.31 -5.54
N ALA D 248 -12.22 3.45 -6.13
CA ALA D 248 -12.36 4.02 -7.46
C ALA D 248 -13.82 4.13 -7.84
N PHE D 249 -14.08 4.81 -8.94
CA PHE D 249 -15.43 5.01 -9.43
C PHE D 249 -16.29 3.74 -9.48
N ALA D 250 -17.45 3.82 -8.83
CA ALA D 250 -18.48 2.77 -8.80
C ALA D 250 -18.03 1.53 -8.01
N ALA D 251 -16.87 1.62 -7.37
CA ALA D 251 -16.45 0.57 -6.46
C ALA D 251 -17.06 0.87 -5.10
N THR D 252 -18.21 0.24 -4.86
CA THR D 252 -18.96 0.51 -3.65
C THR D 252 -19.52 -0.78 -3.06
N PHE D 253 -19.77 -0.75 -1.76
CA PHE D 253 -20.37 -1.86 -1.00
C PHE D 253 -21.64 -2.44 -1.60
N ASP D 254 -22.58 -1.59 -2.01
CA ASP D 254 -23.83 -2.10 -2.55
C ASP D 254 -23.60 -2.80 -3.89
N ASN D 255 -22.85 -2.15 -4.81
CA ASN D 255 -22.47 -2.78 -6.09
C ASN D 255 -21.74 -4.11 -5.93
N GLY D 256 -20.72 -4.13 -5.07
CA GLY D 256 -20.02 -5.36 -4.77
C GLY D 256 -20.96 -6.49 -4.41
N ARG D 257 -21.87 -6.21 -3.47
CA ARG D 257 -22.81 -7.21 -2.97
C ARG D 257 -23.78 -7.66 -4.07
N THR D 258 -24.29 -6.70 -4.84
CA THR D 258 -25.17 -7.04 -5.94
C THR D 258 -24.49 -7.92 -6.97
N TYR D 259 -23.41 -7.40 -7.55
CA TYR D 259 -22.71 -8.12 -8.60
C TYR D 259 -22.41 -9.56 -8.16
N LEU D 260 -21.77 -9.66 -7.00
CA LEU D 260 -21.32 -10.96 -6.50
C LEU D 260 -22.42 -11.92 -6.10
N SER D 261 -23.50 -11.41 -5.50
CA SER D 261 -24.60 -12.28 -5.12
C SER D 261 -25.31 -12.79 -6.37
N ASN D 262 -25.58 -11.89 -7.30
CA ASN D 262 -26.17 -12.32 -8.58
C ASN D 262 -25.30 -13.27 -9.39
N LEU D 263 -23.98 -13.04 -9.38
CA LEU D 263 -23.05 -13.90 -10.13
C LEU D 263 -23.10 -15.35 -9.63
N ILE D 264 -23.04 -15.52 -8.32
CA ILE D 264 -23.06 -16.85 -7.71
C ILE D 264 -24.31 -17.65 -8.17
N GLN D 265 -25.44 -16.95 -8.31
CA GLN D 265 -26.67 -17.57 -8.77
C GLN D 265 -26.63 -17.84 -10.25
N HIS D 266 -26.19 -16.81 -10.99
CA HIS D 266 -26.07 -16.86 -12.45
C HIS D 266 -25.26 -18.07 -12.98
N VAL D 267 -24.08 -18.36 -12.41
CA VAL D 267 -23.16 -19.35 -12.99
C VAL D 267 -23.61 -20.80 -12.79
N LYS D 268 -24.81 -20.97 -12.26
CA LYS D 268 -25.53 -22.24 -12.17
C LYS D 268 -26.07 -22.66 -13.54
N ARG D 269 -26.20 -21.69 -14.46
CA ARG D 269 -26.63 -21.98 -15.82
C ARG D 269 -25.58 -21.44 -16.78
N GLY D 270 -25.83 -21.48 -18.09
CA GLY D 270 -24.81 -21.12 -19.05
C GLY D 270 -25.11 -19.79 -19.71
N THR D 271 -24.59 -19.60 -20.93
CA THR D 271 -24.68 -18.30 -21.60
C THR D 271 -25.68 -18.53 -22.73
N PRO D 272 -26.14 -17.45 -23.38
CA PRO D 272 -27.01 -17.66 -24.56
C PRO D 272 -26.40 -18.55 -25.66
N LYS D 273 -25.09 -18.74 -25.66
CA LYS D 273 -24.45 -19.58 -26.67
C LYS D 273 -24.30 -21.01 -26.19
N ARG D 274 -24.24 -21.16 -24.86
CA ARG D 274 -24.11 -22.46 -24.20
C ARG D 274 -25.02 -22.41 -22.98
N PRO D 275 -26.33 -22.67 -23.19
CA PRO D 275 -27.33 -22.39 -22.15
C PRO D 275 -27.42 -23.41 -21.00
N LYS D 276 -27.13 -24.67 -21.28
CA LYS D 276 -27.38 -25.67 -20.25
C LYS D 276 -26.40 -25.60 -19.12
N ARG D 277 -25.12 -25.75 -19.45
CA ARG D 277 -24.12 -26.06 -18.43
C ARG D 277 -23.68 -24.91 -17.47
N ALA D 278 -23.52 -25.26 -16.19
CA ALA D 278 -22.99 -24.34 -15.19
C ALA D 278 -21.60 -23.86 -15.63
N ILE D 279 -21.30 -22.60 -15.32
CA ILE D 279 -20.01 -22.01 -15.61
C ILE D 279 -19.15 -22.09 -14.36
N GLU D 280 -18.12 -22.94 -14.39
CA GLU D 280 -17.17 -23.07 -13.29
C GLU D 280 -16.48 -21.69 -13.11
N THR D 281 -16.60 -21.13 -11.91
CA THR D 281 -16.23 -19.74 -11.60
C THR D 281 -15.45 -19.61 -10.28
N TYR D 282 -14.36 -18.86 -10.30
CA TYR D 282 -13.63 -18.56 -9.09
C TYR D 282 -13.73 -17.06 -8.74
N LEU D 283 -14.41 -16.74 -7.64
CA LEU D 283 -14.58 -15.35 -7.20
C LEU D 283 -13.25 -14.69 -6.74
N PHE D 284 -13.04 -13.45 -7.16
CA PHE D 284 -11.87 -12.74 -6.71
C PHE D 284 -12.29 -11.58 -5.76
N ALA D 285 -11.92 -11.63 -4.47
CA ALA D 285 -11.09 -12.67 -3.88
C ALA D 285 -11.47 -12.84 -2.40
N MET D 286 -10.84 -13.81 -1.75
CA MET D 286 -11.25 -14.17 -0.40
C MET D 286 -11.08 -13.00 0.56
N PHE D 287 -9.90 -12.38 0.53
CA PHE D 287 -9.57 -11.23 1.40
C PHE D 287 -9.15 -10.01 0.62
N ASP D 288 -9.46 -8.83 1.17
CA ASP D 288 -8.81 -7.63 0.69
C ASP D 288 -7.30 -7.85 0.75
N GLU D 289 -6.56 -7.17 -0.10
CA GLU D 289 -5.12 -7.39 -0.10
C GLU D 289 -4.42 -6.03 -0.12
N ASN D 290 -4.24 -5.47 1.07
CA ASN D 290 -3.76 -4.09 1.23
C ASN D 290 -2.35 -3.79 0.70
N LYS D 291 -1.61 -4.79 0.24
CA LYS D 291 -0.27 -4.50 -0.29
C LYS D 291 -0.24 -4.30 -1.82
N LYS D 292 -1.38 -4.56 -2.46
CA LYS D 292 -1.50 -4.46 -3.93
C LYS D 292 -1.68 -3.01 -4.37
N GLN D 293 -1.34 -2.71 -5.61
CA GLN D 293 -1.52 -1.37 -6.20
C GLN D 293 -2.26 -1.44 -7.55
N PRO D 294 -3.13 -0.48 -7.84
CA PRO D 294 -3.52 0.71 -7.08
C PRO D 294 -4.58 0.47 -6.03
N GLU D 295 -5.18 1.57 -5.58
CA GLU D 295 -6.05 1.53 -4.44
C GLU D 295 -7.19 0.56 -4.59
N VAL D 296 -7.75 0.45 -5.79
CA VAL D 296 -8.97 -0.31 -5.99
C VAL D 296 -8.63 -1.80 -5.84
N GLU D 297 -7.37 -2.16 -6.08
CA GLU D 297 -6.96 -3.56 -5.98
C GLU D 297 -6.83 -4.01 -4.51
N LYS D 298 -7.14 -3.14 -3.56
CA LYS D 298 -7.11 -3.53 -2.17
C LYS D 298 -8.48 -3.81 -1.60
N HIS D 299 -9.50 -3.84 -2.45
CA HIS D 299 -10.87 -3.96 -1.96
C HIS D 299 -11.75 -5.05 -2.64
N PHE D 300 -11.13 -6.09 -3.18
CA PHE D 300 -11.90 -7.17 -3.84
C PHE D 300 -12.32 -8.31 -2.90
N GLY D 301 -11.88 -8.18 -1.65
CA GLY D 301 -12.14 -9.13 -0.59
C GLY D 301 -13.63 -9.39 -0.38
N LEU D 302 -13.93 -10.63 -0.05
CA LEU D 302 -15.25 -11.10 0.28
C LEU D 302 -15.35 -11.10 1.82
N PHE D 303 -14.20 -11.20 2.47
CA PHE D 303 -14.13 -11.28 3.92
C PHE D 303 -13.31 -10.11 4.47
N PHE D 304 -13.69 -9.62 5.66
CA PHE D 304 -12.85 -8.72 6.42
C PHE D 304 -11.73 -9.53 7.04
N PRO D 305 -10.72 -8.85 7.59
CA PRO D 305 -9.65 -9.67 8.17
C PRO D 305 -10.07 -10.36 9.49
N ASN D 306 -11.13 -9.90 10.15
CA ASN D 306 -11.71 -10.60 11.30
C ASN D 306 -12.52 -11.83 10.91
N LYS D 307 -12.51 -12.14 9.62
CA LYS D 307 -13.11 -13.34 9.02
C LYS D 307 -14.62 -13.24 8.93
N TRP D 308 -15.16 -12.05 9.17
CA TRP D 308 -16.58 -11.76 8.96
C TRP D 308 -16.77 -11.34 7.51
N GLN D 309 -17.82 -11.89 6.89
CA GLN D 309 -18.15 -11.63 5.50
C GLN D 309 -18.62 -10.19 5.29
N LYS D 310 -18.16 -9.57 4.19
CA LYS D 310 -18.64 -8.26 3.78
C LYS D 310 -20.11 -8.28 3.39
N TYR D 311 -20.49 -9.33 2.69
CA TYR D 311 -21.74 -9.32 1.93
C TYR D 311 -22.78 -10.35 2.29
N ASN D 312 -22.45 -11.29 3.18
CA ASN D 312 -23.42 -12.27 3.61
C ASN D 312 -23.86 -13.11 2.38
N LEU D 313 -22.92 -13.88 1.85
CA LEU D 313 -23.16 -14.66 0.64
C LEU D 313 -23.37 -16.10 1.02
N ASN D 314 -24.28 -16.78 0.30
CA ASN D 314 -24.41 -18.25 0.30
C ASN D 314 -23.58 -18.86 -0.80
N PHE D 315 -22.67 -19.75 -0.45
CA PHE D 315 -21.86 -20.44 -1.46
C PHE D 315 -22.49 -21.77 -1.93
N SER D 316 -23.66 -21.62 -2.55
CA SER D 316 -24.36 -22.72 -3.21
C SER D 316 -25.64 -22.10 -3.72
#